data_3H83
#
_entry.id   3H83
#
_cell.length_a   54.236
_cell.length_b   80.549
_cell.length_c   120.536
_cell.angle_alpha   90.00
_cell.angle_beta   101.23
_cell.angle_gamma   90.00
#
_symmetry.space_group_name_H-M   'P 1 21 1'
#
loop_
_entity.id
_entity.type
_entity.pdbx_description
1 polymer 'Hypoxanthine phosphoribosyltransferase'
2 branched beta-D-fructofuranose-(2-1)-alpha-D-glucopyranose
3 non-polymer 'PHOSPHATE ION'
4 water water
#
_entity_poly.entity_id   1
_entity_poly.type   'polypeptide(L)'
_entity_poly.pdbx_seq_one_letter_code
;MHHHHHHSSGVDLGTENLYFQSNAMMNQDIEKVLISEEQIQEKVLELGAIIAEDYKNTVPLAIGVLKGAMPFMADLLKRT
DTYLEMDFMAVSSYGHSTVSTGEVKILKDLDTSVEGRDILIVEDIIDSGLTLSYLVDLFKYRKAKSVKIVTLLDKPTGRK
VDLKADYVGFTVPHEFVVGYGLDYKEQYRNLPYVGVLKPSVYSN
;
_entity_poly.pdbx_strand_id   A,B,C,D
#
# COMPACT_ATOMS: atom_id res chain seq x y z
N MET A 1 -6.03 19.95 -30.00
CA MET A 1 -6.77 19.09 -29.01
C MET A 1 -5.69 18.34 -28.20
N HIS A 2 -6.11 17.73 -27.11
CA HIS A 2 -5.24 16.80 -26.38
C HIS A 2 -6.09 15.76 -25.69
N HIS A 3 -5.48 14.59 -25.45
CA HIS A 3 -6.15 13.48 -24.79
C HIS A 3 -5.21 12.65 -23.93
N HIS A 4 -5.83 11.88 -23.05
CA HIS A 4 -5.14 10.93 -22.22
C HIS A 4 -6.18 9.92 -21.68
N HIS A 5 -5.68 8.85 -21.08
CA HIS A 5 -6.55 7.92 -20.39
C HIS A 5 -6.11 7.79 -18.92
N HIS A 6 -7.08 7.47 -18.04
CA HIS A 6 -6.78 7.19 -16.67
C HIS A 6 -7.58 5.98 -16.19
N HIS A 7 -7.23 5.47 -15.02
CA HIS A 7 -8.00 4.42 -14.34
C HIS A 7 -9.17 5.08 -13.57
N SER A 8 -10.40 4.56 -13.49
CA SER A 8 -10.98 3.48 -14.20
C SER A 8 -12.28 4.15 -14.64
N GLY A 14 -11.84 -0.86 -16.90
CA GLY A 14 -11.54 0.08 -15.82
C GLY A 14 -10.65 1.20 -16.33
N THR A 15 -11.10 1.81 -17.43
CA THR A 15 -10.35 2.88 -18.10
C THR A 15 -11.29 3.93 -18.68
N GLU A 16 -10.92 5.20 -18.55
CA GLU A 16 -11.63 6.26 -19.23
C GLU A 16 -10.64 6.98 -20.11
N ASN A 17 -11.14 7.40 -21.28
CA ASN A 17 -10.38 8.18 -22.26
C ASN A 17 -10.89 9.62 -22.23
N LEU A 18 -10.01 10.60 -22.09
CA LEU A 18 -10.46 11.97 -21.96
C LEU A 18 -9.88 12.78 -23.11
N TYR A 19 -10.74 13.52 -23.79
CA TYR A 19 -10.40 14.32 -24.99
C TYR A 19 -10.78 15.76 -24.73
N PHE A 20 -9.79 16.65 -24.89
CA PHE A 20 -9.98 18.07 -24.60
C PHE A 20 -9.65 18.91 -25.85
N GLN A 21 -10.47 19.94 -26.08
CA GLN A 21 -10.14 20.92 -27.11
C GLN A 21 -9.06 21.85 -26.51
N SER A 22 -8.20 22.32 -27.39
CA SER A 22 -7.01 23.09 -26.99
C SER A 22 -7.34 24.37 -26.20
N ASN A 23 -8.44 25.04 -26.55
CA ASN A 23 -8.83 26.24 -25.80
C ASN A 23 -10.00 26.01 -24.81
N ALA A 24 -10.27 24.77 -24.44
CA ALA A 24 -11.31 24.56 -23.41
C ALA A 24 -10.80 25.09 -22.06
N MET A 25 -11.61 25.86 -21.33
CA MET A 25 -11.21 26.44 -20.03
C MET A 25 -12.19 25.96 -18.96
N MET A 26 -11.67 25.57 -17.79
CA MET A 26 -12.51 25.06 -16.69
C MET A 26 -13.64 25.94 -16.31
N ASN A 27 -13.37 27.23 -16.16
CA ASN A 27 -14.39 28.12 -15.66
C ASN A 27 -15.67 28.09 -16.48
N GLN A 28 -15.51 27.88 -17.77
CA GLN A 28 -16.68 27.86 -18.63
C GLN A 28 -17.49 26.59 -18.44
N ASP A 29 -16.91 25.61 -17.75
CA ASP A 29 -17.67 24.41 -17.41
C ASP A 29 -18.53 24.65 -16.16
N ILE A 30 -18.30 25.76 -15.47
CA ILE A 30 -19.00 26.05 -14.18
C ILE A 30 -20.17 27.00 -14.42
N GLU A 31 -21.36 26.56 -14.02
CA GLU A 31 -22.56 27.35 -14.17
C GLU A 31 -22.54 28.59 -13.29
N LYS A 32 -22.25 28.38 -12.01
CA LYS A 32 -22.11 29.48 -11.03
C LYS A 32 -21.12 29.05 -9.95
N VAL A 33 -20.47 30.03 -9.34
CA VAL A 33 -19.64 29.80 -8.17
C VAL A 33 -20.63 29.65 -6.94
N LEU A 34 -20.61 28.52 -6.24
CA LEU A 34 -21.44 28.34 -5.07
C LEU A 34 -20.79 29.00 -3.85
N ILE A 35 -19.55 28.66 -3.55
N ILE A 35 -19.58 28.58 -3.52
CA ILE A 35 -18.84 29.21 -2.40
CA ILE A 35 -18.79 29.13 -2.40
C ILE A 35 -17.51 29.79 -2.88
C ILE A 35 -17.55 29.79 -3.02
N SER A 36 -17.43 31.10 -2.84
CA SER A 36 -16.29 31.82 -3.36
C SER A 36 -14.99 31.54 -2.60
N GLU A 37 -13.86 31.82 -3.25
CA GLU A 37 -12.59 31.66 -2.54
C GLU A 37 -12.55 32.55 -1.32
N GLU A 38 -13.03 33.77 -1.44
CA GLU A 38 -13.04 34.63 -0.28
C GLU A 38 -13.94 34.09 0.89
N GLN A 39 -15.09 33.47 0.59
CA GLN A 39 -15.90 32.83 1.64
C GLN A 39 -15.15 31.70 2.31
N ILE A 40 -14.48 30.91 1.48
CA ILE A 40 -13.68 29.81 2.02
C ILE A 40 -12.57 30.35 2.94
N GLN A 41 -11.86 31.40 2.53
CA GLN A 41 -10.76 31.92 3.36
C GLN A 41 -11.28 32.40 4.71
N GLU A 42 -12.46 33.04 4.70
CA GLU A 42 -13.02 33.56 5.90
C GLU A 42 -13.45 32.43 6.83
N LYS A 43 -13.98 31.36 6.25
CA LYS A 43 -14.41 30.19 7.01
C LYS A 43 -13.23 29.42 7.62
N VAL A 44 -12.15 29.24 6.86
CA VAL A 44 -10.98 28.55 7.41
C VAL A 44 -10.33 29.31 8.53
N LEU A 45 -10.36 30.64 8.46
CA LEU A 45 -9.81 31.47 9.50
C LEU A 45 -10.59 31.26 10.78
N GLU A 46 -11.90 31.30 10.67
CA GLU A 46 -12.76 31.06 11.83
C GLU A 46 -12.64 29.66 12.40
N LEU A 47 -12.73 28.65 11.54
CA LEU A 47 -12.64 27.27 12.03
C LEU A 47 -11.30 26.97 12.61
N GLY A 48 -10.26 27.48 11.96
CA GLY A 48 -8.89 27.29 12.45
C GLY A 48 -8.70 27.78 13.88
N ALA A 49 -9.26 28.96 14.19
CA ALA A 49 -9.17 29.55 15.51
C ALA A 49 -9.94 28.75 16.53
N ILE A 50 -11.10 28.23 16.14
CA ILE A 50 -11.90 27.39 17.02
C ILE A 50 -11.18 26.09 17.29
N ILE A 51 -10.65 25.50 16.25
CA ILE A 51 -9.93 24.24 16.41
C ILE A 51 -8.67 24.39 17.28
N ALA A 52 -7.93 25.50 17.12
CA ALA A 52 -6.71 25.70 17.88
C ALA A 52 -7.03 25.81 19.36
N GLU A 53 -8.15 26.46 19.67
CA GLU A 53 -8.58 26.63 21.05
C GLU A 53 -9.04 25.31 21.65
N ASP A 54 -9.76 24.53 20.86
CA ASP A 54 -10.26 23.25 21.33
C ASP A 54 -9.16 22.26 21.55
N TYR A 55 -8.06 22.39 20.83
CA TYR A 55 -6.96 21.42 20.96
C TYR A 55 -5.72 21.99 21.60
N LYS A 56 -5.93 22.97 22.48
CA LYS A 56 -4.82 23.68 23.15
C LYS A 56 -3.98 22.80 24.09
N ASN A 57 -4.61 21.78 24.64
CA ASN A 57 -4.04 20.87 25.63
C ASN A 57 -3.39 19.56 25.10
N THR A 58 -3.31 19.39 23.80
CA THR A 58 -2.87 18.12 23.25
C THR A 58 -2.30 18.41 21.87
N VAL A 59 -1.47 17.53 21.38
CA VAL A 59 -0.93 17.64 20.00
C VAL A 59 -1.74 16.64 19.15
N PRO A 60 -2.77 17.11 18.47
CA PRO A 60 -3.56 16.15 17.72
C PRO A 60 -2.89 15.62 16.46
N LEU A 61 -3.37 14.46 16.03
CA LEU A 61 -3.03 13.93 14.75
C LEU A 61 -4.17 14.27 13.78
N ALA A 62 -3.89 15.20 12.86
CA ALA A 62 -4.85 15.64 11.85
C ALA A 62 -4.63 14.80 10.57
N ILE A 63 -5.68 14.09 10.16
CA ILE A 63 -5.57 13.10 9.11
C ILE A 63 -6.47 13.47 7.97
N GLY A 64 -5.93 13.50 6.77
CA GLY A 64 -6.73 13.74 5.60
C GLY A 64 -6.92 12.46 4.82
N VAL A 65 -8.12 12.26 4.31
CA VAL A 65 -8.37 11.10 3.45
C VAL A 65 -8.22 11.60 2.02
N LEU A 66 -7.25 11.04 1.33
CA LEU A 66 -6.92 11.42 -0.03
C LEU A 66 -8.05 11.00 -0.97
N LYS A 67 -8.26 11.70 -2.09
CA LYS A 67 -7.51 12.85 -2.60
C LYS A 67 -8.20 14.19 -2.21
N GLY A 68 -9.52 14.11 -2.07
CA GLY A 68 -10.36 15.32 -1.97
C GLY A 68 -10.13 16.29 -0.84
N ALA A 69 -9.69 15.76 0.27
CA ALA A 69 -9.47 16.57 1.43
C ALA A 69 -8.23 17.44 1.38
N MET A 70 -7.35 17.29 0.39
N MET A 70 -7.34 17.28 0.40
CA MET A 70 -6.04 17.95 0.45
CA MET A 70 -6.05 17.98 0.47
C MET A 70 -6.08 19.48 0.45
C MET A 70 -6.13 19.50 0.49
N PRO A 71 -6.83 20.09 -0.49
CA PRO A 71 -6.84 21.55 -0.45
C PRO A 71 -7.40 22.19 0.85
N PHE A 72 -8.54 21.70 1.33
CA PHE A 72 -9.13 22.23 2.56
C PHE A 72 -8.17 21.95 3.71
N MET A 73 -7.63 20.76 3.75
CA MET A 73 -6.76 20.44 4.86
C MET A 73 -5.57 21.39 4.93
N ALA A 74 -4.98 21.69 3.79
CA ALA A 74 -3.82 22.58 3.73
C ALA A 74 -4.20 23.97 4.23
N ASP A 75 -5.31 24.50 3.76
CA ASP A 75 -5.70 25.85 4.15
C ASP A 75 -6.19 25.95 5.58
N LEU A 76 -6.88 24.91 6.04
CA LEU A 76 -7.42 24.96 7.40
C LEU A 76 -6.26 24.88 8.37
N LEU A 77 -5.33 23.95 8.12
CA LEU A 77 -4.29 23.76 9.10
C LEU A 77 -3.36 24.94 9.20
N LYS A 78 -3.20 25.64 8.11
CA LYS A 78 -2.29 26.77 8.16
C LYS A 78 -2.89 27.96 8.93
N ARG A 79 -4.20 27.85 9.21
CA ARG A 79 -4.92 28.83 10.03
C ARG A 79 -5.20 28.27 11.41
N THR A 80 -4.62 27.12 11.73
CA THR A 80 -4.81 26.49 13.01
C THR A 80 -3.50 26.65 13.75
N ASP A 81 -3.46 27.67 14.62
CA ASP A 81 -2.20 28.06 15.26
C ASP A 81 -2.05 27.30 16.55
N THR A 82 -1.70 26.03 16.41
CA THR A 82 -1.39 25.18 17.53
C THR A 82 -0.52 24.02 17.06
N TYR A 83 0.21 23.48 18.02
CA TYR A 83 1.05 22.33 17.74
C TYR A 83 0.23 21.13 17.28
N LEU A 84 0.59 20.53 16.16
CA LEU A 84 -0.10 19.36 15.67
C LEU A 84 0.73 18.56 14.71
N GLU A 85 0.32 17.31 14.45
CA GLU A 85 0.97 16.46 13.46
C GLU A 85 0.01 16.15 12.33
N MET A 86 0.52 15.99 11.11
CA MET A 86 -0.30 15.63 9.97
C MET A 86 -0.06 14.23 9.53
N ASP A 87 -1.11 13.63 8.97
CA ASP A 87 -0.97 12.32 8.35
C ASP A 87 -2.09 12.14 7.32
N PHE A 88 -1.95 11.07 6.55
CA PHE A 88 -2.82 10.82 5.42
C PHE A 88 -3.15 9.35 5.26
N MET A 89 -4.39 9.10 4.84
CA MET A 89 -4.77 7.77 4.46
C MET A 89 -5.30 7.74 3.06
N ALA A 90 -5.17 6.58 2.45
CA ALA A 90 -5.72 6.30 1.14
C ALA A 90 -6.52 4.98 1.21
N VAL A 91 -7.66 4.95 0.56
CA VAL A 91 -8.55 3.81 0.61
C VAL A 91 -9.11 3.57 -0.78
N SER A 92 -9.65 2.37 -1.00
CA SER A 92 -10.27 1.91 -2.27
C SER A 92 -11.55 1.15 -1.93
N SER A 93 -12.51 1.20 -2.86
CA SER A 93 -13.80 0.54 -2.69
C SER A 93 -13.66 -0.93 -2.91
N TYR A 94 -14.40 -1.72 -2.16
CA TYR A 94 -14.49 -3.16 -2.37
C TYR A 94 -15.70 -3.45 -3.31
N GLY A 95 -16.24 -2.45 -3.98
CA GLY A 95 -17.31 -2.67 -4.95
C GLY A 95 -18.65 -2.33 -4.36
N HIS A 96 -19.67 -3.09 -4.71
CA HIS A 96 -21.03 -2.80 -4.18
C HIS A 96 -21.07 -2.83 -2.62
N SER A 97 -20.27 -3.71 -1.98
CA SER A 97 -20.24 -3.78 -0.47
C SER A 97 -19.79 -2.51 0.30
N THR A 98 -18.90 -1.73 -0.29
CA THR A 98 -18.48 -0.45 0.24
C THR A 98 -19.70 0.49 0.20
N VAL A 99 -20.40 0.45 -0.94
CA VAL A 99 -21.60 1.27 -1.15
C VAL A 99 -22.65 1.01 -0.07
N SER A 100 -22.75 -0.22 0.44
CA SER A 100 -23.76 -0.51 1.44
C SER A 100 -23.30 -0.54 2.89
N THR A 101 -22.01 -0.73 3.15
CA THR A 101 -21.53 -0.83 4.53
C THR A 101 -20.42 0.21 4.94
N GLY A 102 -19.75 0.82 3.99
CA GLY A 102 -18.66 1.74 4.33
C GLY A 102 -17.28 1.11 4.35
N GLU A 103 -17.20 -0.19 4.54
CA GLU A 103 -15.93 -0.94 4.60
C GLU A 103 -15.14 -0.71 3.33
N VAL A 104 -13.91 -0.26 3.47
CA VAL A 104 -13.04 0.01 2.32
C VAL A 104 -11.71 -0.66 2.57
N LYS A 105 -10.97 -0.85 1.47
CA LYS A 105 -9.62 -1.39 1.49
C LYS A 105 -8.62 -0.31 1.88
N ILE A 106 -7.77 -0.56 2.85
CA ILE A 106 -6.78 0.42 3.24
C ILE A 106 -5.57 0.28 2.29
N LEU A 107 -5.26 1.34 1.54
CA LEU A 107 -4.16 1.35 0.58
C LEU A 107 -2.96 2.08 1.15
N LYS A 108 -3.22 2.98 2.06
CA LYS A 108 -2.16 3.62 2.80
C LYS A 108 -2.68 3.90 4.20
N ASP A 109 -2.07 3.23 5.19
CA ASP A 109 -2.42 3.37 6.59
C ASP A 109 -1.58 4.55 7.18
N LEU A 110 -1.93 4.98 8.37
CA LEU A 110 -1.20 6.05 9.05
C LEU A 110 0.26 5.64 9.30
N ASP A 111 1.13 6.65 9.27
CA ASP A 111 2.57 6.45 9.47
C ASP A 111 2.85 6.27 10.93
N THR A 112 1.91 6.61 11.80
CA THR A 112 2.09 6.49 13.22
C THR A 112 0.84 5.81 13.86
N SER A 113 1.00 5.30 15.08
CA SER A 113 -0.06 4.58 15.74
C SER A 113 -1.15 5.52 16.26
N VAL A 114 -2.33 4.96 16.37
CA VAL A 114 -3.49 5.74 16.82
C VAL A 114 -3.69 5.71 18.35
N GLU A 115 -3.26 4.62 18.99
CA GLU A 115 -3.52 4.42 20.41
C GLU A 115 -3.16 5.64 21.25
N GLY A 116 -4.14 6.14 21.99
CA GLY A 116 -3.93 7.31 22.88
C GLY A 116 -3.87 8.66 22.17
N ARG A 117 -4.04 8.70 20.85
CA ARG A 117 -3.99 9.98 20.16
C ARG A 117 -5.37 10.65 20.05
N ASP A 118 -5.38 11.98 20.04
CA ASP A 118 -6.59 12.76 19.68
C ASP A 118 -6.55 12.94 18.15
N ILE A 119 -7.48 12.31 17.45
CA ILE A 119 -7.50 12.28 16.01
C ILE A 119 -8.50 13.31 15.48
N LEU A 120 -8.06 14.15 14.56
CA LEU A 120 -8.98 15.03 13.86
C LEU A 120 -8.95 14.67 12.37
N ILE A 121 -10.06 14.13 11.88
CA ILE A 121 -10.18 13.77 10.46
C ILE A 121 -10.69 14.98 9.68
N VAL A 122 -10.02 15.26 8.57
CA VAL A 122 -10.29 16.44 7.72
C VAL A 122 -10.80 15.88 6.40
N GLU A 123 -12.02 16.28 6.06
CA GLU A 123 -12.71 15.87 4.88
C GLU A 123 -13.13 17.03 4.01
N ASP A 124 -13.33 16.74 2.73
CA ASP A 124 -13.87 17.72 1.80
C ASP A 124 -15.39 17.80 1.81
N ILE A 125 -16.05 16.65 1.73
CA ILE A 125 -17.50 16.56 1.79
C ILE A 125 -17.93 15.29 2.53
N ILE A 126 -19.05 15.35 3.24
CA ILE A 126 -19.63 14.13 3.82
C ILE A 126 -21.08 14.12 3.33
N ASP A 127 -21.51 12.97 2.78
CA ASP A 127 -22.88 12.81 2.27
C ASP A 127 -23.49 11.57 2.93
N SER A 128 -23.21 10.36 2.40
CA SER A 128 -23.76 9.15 2.99
C SER A 128 -23.12 8.87 4.34
N GLY A 129 -21.86 9.27 4.46
CA GLY A 129 -21.12 9.12 5.70
C GLY A 129 -20.66 7.70 5.94
N LEU A 130 -20.98 6.75 5.04
CA LEU A 130 -20.66 5.35 5.35
C LEU A 130 -19.14 5.07 5.52
N THR A 131 -18.33 5.48 4.55
CA THR A 131 -16.92 5.25 4.61
C THR A 131 -16.24 5.98 5.77
N LEU A 132 -16.65 7.22 5.99
CA LEU A 132 -16.07 7.96 7.09
C LEU A 132 -16.40 7.34 8.44
N SER A 133 -17.63 6.88 8.58
CA SER A 133 -18.06 6.24 9.79
C SER A 133 -17.22 4.98 10.02
N TYR A 134 -16.93 4.22 8.96
CA TYR A 134 -16.07 3.06 9.04
C TYR A 134 -14.69 3.42 9.58
N LEU A 135 -14.14 4.53 9.12
CA LEU A 135 -12.84 5.01 9.52
C LEU A 135 -12.85 5.56 10.93
N VAL A 136 -13.89 6.32 11.30
CA VAL A 136 -13.99 6.80 12.69
C VAL A 136 -13.96 5.65 13.66
N ASP A 137 -14.75 4.63 13.39
CA ASP A 137 -14.84 3.56 14.37
C ASP A 137 -13.66 2.59 14.27
N LEU A 138 -12.96 2.59 13.14
CA LEU A 138 -11.66 1.92 13.05
C LEU A 138 -10.66 2.59 14.02
N PHE A 139 -10.62 3.91 14.02
CA PHE A 139 -9.74 4.62 14.95
C PHE A 139 -10.12 4.38 16.44
N LYS A 140 -11.43 4.29 16.72
CA LYS A 140 -11.89 3.93 18.06
C LYS A 140 -11.50 2.50 18.41
N TYR A 141 -11.64 1.56 17.46
CA TYR A 141 -11.10 0.17 17.64
C TYR A 141 -9.57 0.23 17.97
N ARG A 142 -8.85 1.10 17.28
CA ARG A 142 -7.42 1.29 17.54
C ARG A 142 -7.09 2.09 18.82
N LYS A 143 -8.11 2.41 19.60
CA LYS A 143 -7.98 3.03 20.91
C LYS A 143 -7.53 4.45 20.88
N ALA A 144 -8.02 5.21 19.89
CA ALA A 144 -7.82 6.64 19.84
C ALA A 144 -8.35 7.22 21.15
N LYS A 145 -7.73 8.27 21.65
CA LYS A 145 -8.24 8.99 22.80
C LYS A 145 -9.56 9.70 22.44
N SER A 146 -9.64 10.27 21.24
CA SER A 146 -10.87 10.92 20.81
C SER A 146 -10.77 10.96 19.30
N VAL A 147 -11.91 11.03 18.63
CA VAL A 147 -11.93 11.16 17.19
C VAL A 147 -12.98 12.21 16.85
N LYS A 148 -12.57 13.27 16.17
CA LYS A 148 -13.47 14.36 15.74
C LYS A 148 -13.29 14.56 14.20
N ILE A 149 -14.26 15.23 13.59
CA ILE A 149 -14.32 15.40 12.13
C ILE A 149 -14.58 16.85 11.82
N VAL A 150 -13.77 17.38 10.90
CA VAL A 150 -13.97 18.67 10.31
C VAL A 150 -14.12 18.47 8.79
N THR A 151 -15.25 18.95 8.24
CA THR A 151 -15.52 18.86 6.82
C THR A 151 -15.82 20.23 6.24
N LEU A 152 -15.30 20.50 5.04
CA LEU A 152 -15.60 21.75 4.39
C LEU A 152 -17.10 21.81 4.06
N LEU A 153 -17.61 20.74 3.44
CA LEU A 153 -18.99 20.68 3.01
C LEU A 153 -19.74 19.57 3.69
N ASP A 154 -21.02 19.77 3.97
CA ASP A 154 -21.84 18.71 4.54
C ASP A 154 -23.20 18.61 3.82
N LYS A 155 -23.67 17.38 3.61
CA LYS A 155 -25.03 17.12 3.08
C LYS A 155 -25.70 16.19 4.09
N PRO A 156 -26.12 16.75 5.22
CA PRO A 156 -26.50 15.84 6.30
C PRO A 156 -27.80 15.04 6.12
N THR A 157 -28.65 15.43 5.16
CA THR A 157 -29.87 14.68 4.92
C THR A 157 -29.58 13.57 3.97
N GLY A 158 -28.33 13.49 3.48
CA GLY A 158 -27.92 12.40 2.62
C GLY A 158 -27.40 11.18 3.41
N ARG A 159 -27.33 11.27 4.72
CA ARG A 159 -26.72 10.22 5.52
C ARG A 159 -27.36 8.84 5.37
N LYS A 160 -26.53 7.81 5.39
CA LYS A 160 -26.99 6.42 5.45
C LYS A 160 -26.57 5.76 6.74
N VAL A 161 -25.87 6.51 7.58
CA VAL A 161 -25.45 6.04 8.90
C VAL A 161 -25.50 7.30 9.74
N ASP A 162 -25.70 7.17 11.04
CA ASP A 162 -25.67 8.30 11.93
C ASP A 162 -24.19 8.82 12.11
N LEU A 163 -23.89 10.04 11.63
CA LEU A 163 -22.56 10.61 11.77
C LEU A 163 -22.66 12.13 11.73
N LYS A 164 -22.51 12.77 12.87
CA LYS A 164 -22.53 14.23 12.96
C LYS A 164 -21.09 14.75 12.94
N ALA A 165 -20.75 15.62 12.01
CA ALA A 165 -19.39 16.18 11.98
C ALA A 165 -19.32 17.20 13.10
N ASP A 166 -18.18 17.27 13.78
CA ASP A 166 -18.00 18.20 14.87
C ASP A 166 -17.86 19.61 14.33
N TYR A 167 -17.28 19.75 13.14
CA TYR A 167 -17.07 21.04 12.54
C TYR A 167 -17.41 20.94 11.04
N VAL A 168 -18.09 21.96 10.53
CA VAL A 168 -18.58 21.99 9.16
C VAL A 168 -18.46 23.39 8.63
N GLY A 169 -17.92 23.51 7.43
CA GLY A 169 -17.80 24.84 6.84
C GLY A 169 -19.15 25.31 6.32
N PHE A 170 -19.75 24.56 5.40
CA PHE A 170 -20.94 24.93 4.71
C PHE A 170 -21.82 23.74 4.45
N THR A 171 -23.12 23.95 4.61
CA THR A 171 -24.06 22.92 4.26
C THR A 171 -24.43 23.08 2.76
N VAL A 172 -24.37 22.01 1.98
CA VAL A 172 -24.65 22.15 0.56
C VAL A 172 -26.08 21.66 0.22
N PRO A 173 -26.78 22.40 -0.63
CA PRO A 173 -28.10 22.03 -1.07
C PRO A 173 -28.00 21.11 -2.31
N HIS A 174 -29.11 20.95 -3.02
CA HIS A 174 -29.17 20.12 -4.21
C HIS A 174 -28.45 20.74 -5.39
N GLU A 175 -27.13 20.59 -5.40
CA GLU A 175 -26.29 21.06 -6.50
C GLU A 175 -25.12 20.08 -6.72
N PHE A 176 -24.73 19.91 -7.97
CA PHE A 176 -23.58 19.05 -8.30
C PHE A 176 -22.35 19.93 -8.15
N VAL A 177 -21.60 19.73 -7.08
CA VAL A 177 -20.47 20.65 -6.80
C VAL A 177 -19.10 20.07 -7.20
N VAL A 178 -18.20 20.93 -7.69
CA VAL A 178 -16.81 20.55 -7.92
C VAL A 178 -15.91 21.70 -7.44
N GLY A 179 -14.60 21.41 -7.34
CA GLY A 179 -13.67 22.42 -6.93
C GLY A 179 -13.18 22.24 -5.49
N TYR A 180 -12.01 22.78 -5.24
CA TYR A 180 -11.47 22.78 -3.91
C TYR A 180 -11.40 21.38 -3.33
N GLY A 181 -10.91 20.47 -4.20
CA GLY A 181 -10.67 19.05 -3.88
C GLY A 181 -11.73 18.12 -4.50
N LEU A 182 -12.94 18.65 -4.70
CA LEU A 182 -14.02 17.88 -5.33
C LEU A 182 -13.87 17.84 -6.89
N ASP A 183 -14.03 16.63 -7.41
CA ASP A 183 -13.83 16.34 -8.83
C ASP A 183 -15.09 15.94 -9.58
N TYR A 184 -14.95 15.97 -10.90
CA TYR A 184 -15.83 15.29 -11.83
C TYR A 184 -14.85 14.55 -12.79
N LYS A 185 -14.80 13.22 -12.70
CA LYS A 185 -13.94 12.41 -13.56
C LYS A 185 -12.45 12.87 -13.41
N GLU A 186 -12.08 13.20 -12.17
CA GLU A 186 -10.73 13.54 -11.80
C GLU A 186 -10.32 14.96 -12.13
N GLN A 187 -11.20 15.70 -12.82
CA GLN A 187 -10.96 17.10 -13.13
C GLN A 187 -11.58 18.00 -12.08
N TYR A 188 -11.15 19.25 -12.11
CA TYR A 188 -11.66 20.35 -11.31
C TYR A 188 -11.23 20.43 -9.86
N ARG A 189 -10.42 19.48 -9.40
CA ARG A 189 -10.03 19.52 -7.99
C ARG A 189 -9.28 20.80 -7.64
N ASN A 190 -8.61 21.37 -8.65
CA ASN A 190 -7.73 22.53 -8.47
C ASN A 190 -8.40 23.90 -8.58
N LEU A 191 -9.71 23.95 -8.78
CA LEU A 191 -10.45 25.22 -8.66
C LEU A 191 -10.30 25.74 -7.23
N PRO A 192 -10.06 27.05 -7.09
CA PRO A 192 -9.90 27.69 -5.80
C PRO A 192 -11.24 28.05 -5.16
N TYR A 193 -12.33 27.53 -5.69
CA TYR A 193 -13.63 27.80 -5.11
C TYR A 193 -14.47 26.57 -5.33
N VAL A 194 -15.65 26.57 -4.73
CA VAL A 194 -16.62 25.51 -4.98
C VAL A 194 -17.64 25.99 -6.00
N GLY A 195 -17.67 25.29 -7.12
CA GLY A 195 -18.58 25.63 -8.22
C GLY A 195 -19.63 24.62 -8.53
N VAL A 196 -20.70 25.12 -9.17
CA VAL A 196 -21.80 24.29 -9.65
C VAL A 196 -21.45 23.94 -11.07
N LEU A 197 -21.26 22.66 -11.32
CA LEU A 197 -20.88 22.20 -12.66
C LEU A 197 -22.08 22.24 -13.58
N LYS A 198 -21.88 22.71 -14.82
CA LYS A 198 -22.99 22.72 -15.81
C LYS A 198 -23.53 21.30 -16.11
N PRO A 199 -24.89 21.17 -16.14
CA PRO A 199 -25.55 19.87 -16.38
C PRO A 199 -25.02 19.22 -17.67
N SER A 200 -24.69 20.02 -18.66
CA SER A 200 -24.15 19.53 -19.88
C SER A 200 -22.87 18.76 -19.66
N VAL A 201 -22.03 19.19 -18.72
CA VAL A 201 -20.81 18.46 -18.51
C VAL A 201 -21.04 17.03 -18.05
N TYR A 202 -21.92 16.82 -17.08
CA TYR A 202 -22.10 15.50 -16.52
C TYR A 202 -23.34 14.75 -16.96
N SER A 203 -24.19 15.40 -17.76
CA SER A 203 -25.54 14.92 -18.12
C SER A 203 -26.52 15.08 -16.97
N GLU B 16 0.70 6.85 30.21
CA GLU B 16 2.04 6.61 29.60
C GLU B 16 2.62 7.92 29.10
N ASN B 17 1.85 8.67 28.31
CA ASN B 17 2.34 9.93 27.72
C ASN B 17 1.68 11.19 28.30
N LEU B 18 2.50 12.14 28.71
CA LEU B 18 2.04 13.40 29.30
C LEU B 18 2.59 14.56 28.47
N TYR B 19 1.71 15.53 28.17
CA TYR B 19 2.03 16.63 27.26
C TYR B 19 1.83 17.97 27.95
N PHE B 20 2.86 18.83 27.85
CA PHE B 20 2.88 20.14 28.47
C PHE B 20 3.26 21.21 27.43
N GLN B 21 2.25 21.98 27.03
CA GLN B 21 2.39 23.02 26.05
C GLN B 21 2.12 24.36 26.73
N SER B 22 1.33 24.31 27.79
CA SER B 22 1.06 25.49 28.58
C SER B 22 0.51 26.57 27.61
N ASN B 23 0.98 27.81 27.67
CA ASN B 23 0.48 28.81 26.68
C ASN B 23 1.48 29.03 25.52
N ALA B 24 2.38 28.07 25.33
CA ALA B 24 3.38 28.04 24.23
C ALA B 24 2.72 28.17 22.85
N MET B 25 3.31 29.00 22.00
CA MET B 25 2.86 29.20 20.64
C MET B 25 4.09 28.90 19.77
N MET B 26 3.88 28.36 18.58
CA MET B 26 4.96 27.99 17.69
C MET B 26 5.86 29.15 17.40
N ASN B 27 5.33 30.38 17.28
CA ASN B 27 6.15 31.53 16.91
C ASN B 27 7.26 31.81 17.93
N GLN B 28 7.07 31.33 19.16
CA GLN B 28 8.05 31.50 20.21
C GLN B 28 9.26 30.60 19.96
N ASP B 29 9.08 29.59 19.12
CA ASP B 29 10.13 28.65 18.76
C ASP B 29 10.91 29.13 17.52
N ILE B 30 10.42 30.20 16.92
CA ILE B 30 10.96 30.67 15.67
C ILE B 30 11.87 31.87 15.87
N GLU B 31 13.11 31.69 15.45
CA GLU B 31 14.11 32.73 15.54
C GLU B 31 13.78 33.81 14.55
N LYS B 32 13.50 33.41 13.30
CA LYS B 32 13.06 34.37 12.29
C LYS B 32 12.24 33.76 11.18
N VAL B 33 11.40 34.60 10.61
CA VAL B 33 10.65 34.22 9.42
C VAL B 33 11.52 34.45 8.23
N LEU B 34 11.86 33.37 7.54
CA LEU B 34 12.70 33.40 6.36
C LEU B 34 11.94 33.77 5.12
N ILE B 35 10.78 33.12 4.95
CA ILE B 35 9.89 33.34 3.82
C ILE B 35 8.47 33.49 4.37
N SER B 36 7.96 34.70 4.29
CA SER B 36 6.68 35.05 4.85
C SER B 36 5.53 34.51 4.02
N GLU B 37 4.34 34.51 4.63
CA GLU B 37 3.21 34.04 3.88
C GLU B 37 3.03 34.89 2.63
N GLU B 38 3.24 36.20 2.74
CA GLU B 38 3.05 37.10 1.61
C GLU B 38 4.04 36.78 0.47
N GLN B 39 5.30 36.54 0.84
N GLN B 39 5.31 36.55 0.83
CA GLN B 39 6.29 36.14 -0.16
CA GLN B 39 6.30 36.14 -0.16
C GLN B 39 5.95 34.84 -0.85
C GLN B 39 5.96 34.83 -0.84
N ILE B 40 5.55 33.83 -0.06
CA ILE B 40 5.14 32.54 -0.61
C ILE B 40 3.96 32.69 -1.54
N GLN B 41 2.98 33.50 -1.15
CA GLN B 41 1.82 33.59 -2.00
C GLN B 41 2.06 34.30 -3.35
N GLU B 42 2.95 35.29 -3.36
N GLU B 42 2.93 35.30 -3.38
CA GLU B 42 3.28 35.99 -4.60
CA GLU B 42 3.28 35.98 -4.64
C GLU B 42 4.05 35.06 -5.57
C GLU B 42 4.03 35.04 -5.58
N LYS B 43 4.95 34.25 -5.04
CA LYS B 43 5.71 33.32 -5.86
C LYS B 43 4.81 32.20 -6.36
N VAL B 44 3.95 31.67 -5.49
CA VAL B 44 3.01 30.62 -5.91
C VAL B 44 2.10 31.11 -7.04
N LEU B 45 1.70 32.37 -6.97
CA LEU B 45 0.83 32.92 -8.02
C LEU B 45 1.55 32.98 -9.36
N GLU B 46 2.82 33.40 -9.31
CA GLU B 46 3.67 33.46 -10.53
C GLU B 46 3.89 32.06 -11.11
N LEU B 47 4.24 31.09 -10.25
CA LEU B 47 4.50 29.76 -10.71
C LEU B 47 3.27 29.12 -11.32
N GLY B 48 2.11 29.34 -10.70
CA GLY B 48 0.86 28.85 -11.23
C GLY B 48 0.56 29.37 -12.64
N ALA B 49 0.80 30.65 -12.88
CA ALA B 49 0.56 31.25 -14.20
C ALA B 49 1.53 30.67 -15.23
N ILE B 50 2.80 30.52 -14.85
CA ILE B 50 3.81 29.92 -15.77
C ILE B 50 3.50 28.44 -16.12
N ILE B 51 3.11 27.66 -15.11
CA ILE B 51 2.73 26.26 -15.33
C ILE B 51 1.47 26.13 -16.19
N ALA B 52 0.47 26.97 -15.91
CA ALA B 52 -0.76 26.96 -16.68
C ALA B 52 -0.47 27.22 -18.16
N GLU B 53 0.46 28.13 -18.43
CA GLU B 53 0.83 28.44 -19.82
C GLU B 53 1.62 27.27 -20.44
N ASP B 54 2.61 26.78 -19.73
CA ASP B 54 3.38 25.62 -20.17
C ASP B 54 2.57 24.34 -20.41
N TYR B 55 1.51 24.12 -19.63
CA TYR B 55 0.70 22.92 -19.77
C TYR B 55 -0.64 23.17 -20.46
N LYS B 56 -0.73 24.26 -21.24
CA LYS B 56 -1.90 24.68 -22.10
C LYS B 56 -2.51 23.57 -22.94
N ASN B 57 -1.63 22.77 -23.48
N ASN B 57 -1.66 22.78 -23.56
CA ASN B 57 -1.95 21.73 -24.45
CA ASN B 57 -2.17 21.73 -24.42
C ASN B 57 -2.07 20.30 -23.92
C ASN B 57 -1.95 20.31 -23.89
N THR B 58 -2.22 20.11 -22.61
CA THR B 58 -2.20 18.76 -22.06
C THR B 58 -2.85 18.84 -20.74
N VAL B 59 -3.32 17.73 -20.21
CA VAL B 59 -3.79 17.73 -18.85
C VAL B 59 -2.85 16.86 -18.05
N PRO B 60 -1.94 17.49 -17.30
CA PRO B 60 -0.95 16.77 -16.55
C PRO B 60 -1.46 16.05 -15.35
N LEU B 61 -0.65 15.12 -14.88
CA LEU B 61 -0.89 14.43 -13.68
C LEU B 61 0.08 15.05 -12.71
N ALA B 62 -0.46 15.85 -11.78
CA ALA B 62 0.34 16.51 -10.74
C ALA B 62 0.44 15.62 -9.49
N ILE B 63 1.65 15.28 -9.10
CA ILE B 63 1.86 14.29 -8.05
C ILE B 63 2.64 14.90 -6.91
N GLY B 64 2.14 14.71 -5.72
CA GLY B 64 2.87 15.15 -4.53
C GLY B 64 3.35 13.95 -3.75
N VAL B 65 4.58 14.02 -3.24
CA VAL B 65 5.11 12.95 -2.43
C VAL B 65 4.81 13.38 -0.99
N LEU B 66 4.05 12.54 -0.30
CA LEU B 66 3.58 12.84 1.06
C LEU B 66 4.83 12.88 1.98
N LYS B 67 4.86 13.69 3.05
CA LYS B 67 3.81 14.54 3.54
C LYS B 67 4.09 16.00 3.23
N GLY B 68 5.37 16.36 3.10
CA GLY B 68 5.81 17.76 3.08
C GLY B 68 5.33 18.64 1.93
N ALA B 69 5.00 18.03 0.81
CA ALA B 69 4.59 18.72 -0.36
C ALA B 69 3.17 19.24 -0.33
N MET B 70 2.37 18.75 0.61
N MET B 70 2.32 18.76 0.58
CA MET B 70 0.95 19.04 0.64
CA MET B 70 0.89 19.07 0.45
C MET B 70 0.53 20.50 0.67
C MET B 70 0.48 20.55 0.65
N PRO B 71 1.02 21.30 1.65
CA PRO B 71 0.57 22.70 1.64
C PRO B 71 0.88 23.45 0.34
N PHE B 72 2.11 23.32 -0.16
CA PHE B 72 2.51 23.97 -1.39
C PHE B 72 1.69 23.48 -2.59
N MET B 73 1.53 22.17 -2.71
CA MET B 73 0.76 21.61 -3.81
C MET B 73 -0.65 22.15 -3.86
N ALA B 74 -1.32 22.24 -2.70
CA ALA B 74 -2.69 22.82 -2.63
C ALA B 74 -2.72 24.27 -3.10
N ASP B 75 -1.79 25.09 -2.62
CA ASP B 75 -1.79 26.50 -3.02
C ASP B 75 -1.38 26.66 -4.46
N LEU B 76 -0.37 25.92 -4.91
CA LEU B 76 0.06 26.02 -6.31
C LEU B 76 -1.04 25.62 -7.29
N LEU B 77 -1.64 24.48 -7.07
CA LEU B 77 -2.63 24.02 -8.03
C LEU B 77 -3.86 24.92 -8.08
N LYS B 78 -4.24 25.51 -6.96
CA LYS B 78 -5.39 26.47 -6.88
C LYS B 78 -5.12 27.69 -7.78
N ARG B 79 -3.83 27.96 -7.99
CA ARG B 79 -3.36 29.09 -8.86
C ARG B 79 -2.93 28.67 -10.28
N THR B 80 -3.21 27.41 -10.61
CA THR B 80 -2.91 26.87 -11.91
C THR B 80 -4.24 26.64 -12.60
N ASP B 81 -4.60 27.62 -13.40
CA ASP B 81 -5.88 27.61 -14.10
C ASP B 81 -5.85 26.80 -15.41
N THR B 82 -5.80 25.48 -15.28
CA THR B 82 -5.86 24.63 -16.41
C THR B 82 -6.36 23.28 -15.97
N TYR B 83 -6.83 22.47 -16.90
CA TYR B 83 -7.28 21.13 -16.55
C TYR B 83 -6.10 20.30 -16.12
N LEU B 84 -6.28 19.53 -15.05
CA LEU B 84 -5.24 18.67 -14.56
C LEU B 84 -5.79 17.73 -13.52
N GLU B 85 -5.05 16.66 -13.27
CA GLU B 85 -5.42 15.66 -12.27
C GLU B 85 -4.37 15.66 -11.14
N MET B 86 -4.80 15.24 -9.96
CA MET B 86 -3.93 15.18 -8.82
C MET B 86 -3.72 13.75 -8.38
N ASP B 87 -2.53 13.46 -7.88
CA ASP B 87 -2.29 12.15 -7.31
C ASP B 87 -1.17 12.29 -6.30
N PHE B 88 -0.96 11.22 -5.54
CA PHE B 88 -0.05 11.24 -4.41
C PHE B 88 0.70 9.95 -4.29
N MET B 89 1.92 10.06 -3.80
CA MET B 89 2.68 8.88 -3.50
C MET B 89 3.22 8.92 -2.13
N ALA B 90 3.40 7.75 -1.56
CA ALA B 90 4.07 7.61 -0.27
C ALA B 90 5.19 6.59 -0.42
N VAL B 91 6.34 6.90 0.18
CA VAL B 91 7.50 6.08 0.08
C VAL B 91 8.20 6.00 1.43
N SER B 92 9.08 5.02 1.58
CA SER B 92 9.84 4.92 2.80
C SER B 92 11.22 4.35 2.52
N SER B 93 12.13 4.67 3.42
CA SER B 93 13.50 4.30 3.25
C SER B 93 13.76 2.82 3.41
N TYR B 94 14.73 2.36 2.62
CA TYR B 94 15.31 1.02 2.71
C TYR B 94 16.62 1.06 3.56
N GLY B 95 17.10 2.25 3.93
CA GLY B 95 18.23 2.41 4.88
C GLY B 95 19.68 2.35 4.39
N HIS B 96 19.88 1.99 3.13
CA HIS B 96 21.23 1.82 2.58
C HIS B 96 21.22 2.21 1.11
N SER B 97 20.40 1.52 0.31
CA SER B 97 20.26 1.86 -1.11
C SER B 97 19.57 3.23 -1.22
N THR B 98 18.82 3.63 -0.17
CA THR B 98 18.12 4.94 -0.18
C THR B 98 19.19 6.05 -0.12
N VAL B 99 20.10 5.97 0.85
CA VAL B 99 21.18 6.98 1.01
C VAL B 99 22.19 7.04 -0.17
N SER B 100 22.34 5.93 -0.90
CA SER B 100 23.29 5.85 -2.01
C SER B 100 22.68 5.92 -3.41
N THR B 101 21.50 5.33 -3.59
CA THR B 101 20.89 5.29 -4.91
C THR B 101 19.57 6.03 -5.03
N GLY B 102 18.96 6.34 -3.90
CA GLY B 102 17.66 7.00 -3.91
C GLY B 102 16.51 6.02 -3.96
N GLU B 103 16.81 4.72 -4.15
CA GLU B 103 15.78 3.67 -4.18
C GLU B 103 14.97 3.70 -2.90
N VAL B 104 13.66 3.80 -3.02
CA VAL B 104 12.78 3.71 -1.85
C VAL B 104 11.69 2.69 -2.04
N LYS B 105 11.10 2.31 -0.94
CA LYS B 105 10.00 1.38 -0.94
C LYS B 105 8.73 2.16 -1.25
N ILE B 106 7.94 1.71 -2.23
CA ILE B 106 6.66 2.39 -2.53
C ILE B 106 5.59 1.88 -1.57
N LEU B 107 5.01 2.79 -0.77
CA LEU B 107 3.97 2.44 0.21
C LEU B 107 2.61 2.73 -0.37
N LYS B 108 2.52 3.81 -1.14
CA LYS B 108 1.33 4.05 -1.90
C LYS B 108 1.74 4.47 -3.30
N ASP B 109 1.38 3.68 -4.30
CA ASP B 109 1.65 4.00 -5.70
C ASP B 109 0.52 4.92 -6.21
N LEU B 110 0.71 5.47 -7.39
CA LEU B 110 -0.29 6.31 -8.01
C LEU B 110 -1.60 5.50 -8.22
N ASP B 111 -2.71 6.21 -8.23
CA ASP B 111 -4.00 5.56 -8.52
C ASP B 111 -4.31 5.44 -9.99
N THR B 112 -3.45 5.99 -10.85
CA THR B 112 -3.61 5.82 -12.25
C THR B 112 -2.24 5.53 -12.94
N SER B 113 -2.28 5.06 -14.17
CA SER B 113 -1.08 4.71 -14.95
C SER B 113 -0.36 5.98 -15.40
N VAL B 114 0.95 5.83 -15.55
CA VAL B 114 1.78 6.95 -15.97
C VAL B 114 1.93 7.02 -17.49
N GLU B 115 1.72 5.88 -18.13
CA GLU B 115 1.99 5.76 -19.56
C GLU B 115 1.33 6.85 -20.34
N GLY B 116 2.12 7.57 -21.12
CA GLY B 116 1.57 8.65 -21.97
C GLY B 116 1.15 9.92 -21.27
N ARG B 117 1.33 9.99 -19.96
CA ARG B 117 0.97 11.20 -19.21
C ARG B 117 2.15 12.17 -19.09
N ASP B 118 1.83 13.46 -19.07
CA ASP B 118 2.78 14.49 -18.67
C ASP B 118 2.75 14.62 -17.15
N ILE B 119 3.84 14.17 -16.49
CA ILE B 119 3.93 14.16 -15.03
C ILE B 119 4.56 15.43 -14.51
N LEU B 120 3.92 16.06 -13.52
CA LEU B 120 4.48 17.19 -12.82
C LEU B 120 4.62 16.83 -11.33
N ILE B 121 5.85 16.65 -10.85
CA ILE B 121 6.07 16.29 -9.48
C ILE B 121 6.17 17.57 -8.69
N VAL B 122 5.41 17.66 -7.61
CA VAL B 122 5.32 18.86 -6.79
C VAL B 122 6.01 18.52 -5.47
N GLU B 123 7.01 19.32 -5.08
CA GLU B 123 7.84 19.05 -3.92
C GLU B 123 7.97 20.27 -3.03
N ASP B 124 8.16 20.05 -1.72
CA ASP B 124 8.41 21.18 -0.82
C ASP B 124 9.87 21.66 -0.82
N ILE B 125 10.80 20.73 -0.83
CA ILE B 125 12.21 21.04 -0.84
C ILE B 125 12.99 19.94 -1.52
N ILE B 126 14.00 20.31 -2.28
CA ILE B 126 14.95 19.34 -2.84
C ILE B 126 16.33 19.68 -2.26
N ASP B 127 16.95 18.67 -1.63
CA ASP B 127 18.27 18.80 -0.96
C ASP B 127 19.28 17.83 -1.62
N SER B 128 19.35 16.58 -1.15
CA SER B 128 20.24 15.57 -1.80
C SER B 128 19.74 15.28 -3.18
N GLY B 129 18.42 15.25 -3.32
CA GLY B 129 17.79 14.95 -4.59
C GLY B 129 17.76 13.47 -4.93
N LEU B 130 18.27 12.60 -4.05
CA LEU B 130 18.40 11.18 -4.42
C LEU B 130 17.06 10.47 -4.65
N THR B 131 16.13 10.62 -3.75
CA THR B 131 14.84 9.96 -3.88
C THR B 131 14.05 10.47 -5.08
N LEU B 132 14.07 11.77 -5.26
CA LEU B 132 13.38 12.39 -6.35
C LEU B 132 13.94 11.97 -7.71
N SER B 133 15.26 11.81 -7.79
CA SER B 133 15.92 11.35 -8.99
C SER B 133 15.46 9.95 -9.31
N TYR B 134 15.34 9.16 -8.25
CA TYR B 134 14.83 7.80 -8.39
C TYR B 134 13.39 7.78 -8.95
N LEU B 135 12.54 8.65 -8.42
CA LEU B 135 11.15 8.72 -8.84
C LEU B 135 10.99 9.19 -10.28
N VAL B 136 11.78 10.19 -10.68
CA VAL B 136 11.69 10.76 -12.03
C VAL B 136 11.98 9.70 -13.04
N ASP B 137 12.98 8.89 -12.78
CA ASP B 137 13.40 7.91 -13.78
C ASP B 137 12.52 6.66 -13.71
N LEU B 138 11.90 6.42 -12.57
CA LEU B 138 10.83 5.42 -12.48
C LEU B 138 9.67 5.84 -13.42
N PHE B 139 9.26 7.10 -13.36
CA PHE B 139 8.19 7.56 -14.22
C PHE B 139 8.59 7.53 -15.70
N LYS B 140 9.85 7.80 -16.01
CA LYS B 140 10.31 7.61 -17.39
C LYS B 140 10.26 6.14 -17.81
N TYR B 141 10.63 5.23 -16.90
CA TYR B 141 10.55 3.78 -17.16
C TYR B 141 9.10 3.37 -17.40
N ARG B 142 8.22 3.99 -16.63
CA ARG B 142 6.78 3.79 -16.80
C ARG B 142 6.17 4.52 -18.04
N LYS B 143 7.03 5.05 -18.93
CA LYS B 143 6.60 5.62 -20.22
C LYS B 143 5.82 6.91 -20.13
N ALA B 144 6.15 7.74 -19.16
CA ALA B 144 5.58 9.07 -19.10
C ALA B 144 5.95 9.79 -20.36
N LYS B 145 5.06 10.65 -20.84
CA LYS B 145 5.34 11.48 -21.98
C LYS B 145 6.41 12.55 -21.62
N SER B 146 6.33 13.11 -20.42
CA SER B 146 7.37 14.03 -19.93
C SER B 146 7.30 13.99 -18.41
N VAL B 147 8.39 14.33 -17.76
CA VAL B 147 8.42 14.45 -16.29
C VAL B 147 9.10 15.76 -15.96
N LYS B 148 8.41 16.59 -15.19
CA LYS B 148 8.99 17.86 -14.70
C LYS B 148 8.80 17.96 -13.20
N ILE B 149 9.60 18.82 -12.57
CA ILE B 149 9.54 19.03 -11.13
C ILE B 149 9.36 20.49 -10.83
N VAL B 150 8.42 20.74 -9.93
CA VAL B 150 8.26 22.04 -9.29
C VAL B 150 8.51 21.92 -7.77
N THR B 151 9.40 22.72 -7.26
CA THR B 151 9.74 22.68 -5.85
C THR B 151 9.63 24.07 -5.26
N LEU B 152 9.04 24.18 -4.07
CA LEU B 152 8.95 25.48 -3.45
C LEU B 152 10.36 25.97 -3.06
N LEU B 153 11.15 25.08 -2.46
CA LEU B 153 12.47 25.43 -1.97
C LEU B 153 13.49 24.53 -2.59
N ASP B 154 14.70 25.09 -2.79
CA ASP B 154 15.80 24.34 -3.40
C ASP B 154 17.05 24.60 -2.54
N LYS B 155 17.75 23.53 -2.20
CA LYS B 155 18.98 23.63 -1.42
C LYS B 155 20.02 22.92 -2.26
N PRO B 156 20.44 23.54 -3.36
CA PRO B 156 21.27 22.81 -4.34
C PRO B 156 22.68 22.47 -3.84
N THR B 157 23.13 23.11 -2.78
CA THR B 157 24.40 22.76 -2.20
C THR B 157 24.34 21.39 -1.52
N GLY B 158 23.14 20.91 -1.19
CA GLY B 158 23.04 19.58 -0.61
C GLY B 158 23.05 18.41 -1.59
N ARG B 159 23.14 18.69 -2.87
CA ARG B 159 22.93 17.66 -3.89
C ARG B 159 23.84 16.43 -3.76
N LYS B 160 23.28 15.24 -4.00
CA LYS B 160 24.10 14.00 -4.05
C LYS B 160 23.97 13.34 -5.41
N VAL B 161 23.28 14.00 -6.34
CA VAL B 161 23.04 13.48 -7.67
C VAL B 161 22.75 14.74 -8.47
N ASP B 162 22.92 14.67 -9.79
CA ASP B 162 22.60 15.79 -10.67
C ASP B 162 21.09 15.81 -10.92
N LEU B 163 20.40 16.82 -10.39
CA LEU B 163 18.94 16.96 -10.52
C LEU B 163 18.63 18.45 -10.41
N LYS B 164 18.13 19.04 -11.49
CA LYS B 164 17.77 20.47 -11.55
C LYS B 164 16.24 20.48 -11.63
N ALA B 165 15.57 21.19 -10.75
CA ALA B 165 14.09 21.29 -10.83
C ALA B 165 13.77 22.21 -11.98
N ASP B 166 12.62 21.97 -12.62
CA ASP B 166 12.19 22.77 -13.75
C ASP B 166 11.59 24.08 -13.31
N TYR B 167 11.04 24.12 -12.10
CA TYR B 167 10.40 25.30 -11.55
C TYR B 167 10.80 25.33 -10.07
N VAL B 168 11.26 26.48 -9.62
CA VAL B 168 11.77 26.69 -8.28
C VAL B 168 11.24 27.97 -7.71
N GLY B 169 10.83 27.90 -6.45
CA GLY B 169 10.36 29.08 -5.72
C GLY B 169 11.50 29.90 -5.14
N PHE B 170 12.27 29.31 -4.24
CA PHE B 170 13.28 30.05 -3.51
C PHE B 170 14.48 29.17 -3.29
N THR B 171 15.68 29.73 -3.39
CA THR B 171 16.87 29.00 -2.95
C THR B 171 17.10 29.20 -1.49
N VAL B 172 17.32 28.10 -0.80
N VAL B 172 17.22 28.14 -0.68
CA VAL B 172 17.61 28.16 0.59
CA VAL B 172 17.38 28.30 0.81
C VAL B 172 18.98 27.56 0.72
C VAL B 172 18.44 27.33 1.40
N PRO B 173 19.60 27.88 1.82
CA PRO B 173 20.72 27.06 2.29
C PRO B 173 20.55 26.57 3.72
N HIS B 174 19.68 27.21 4.47
CA HIS B 174 19.62 27.06 5.94
C HIS B 174 19.31 25.70 6.52
N GLU B 175 19.85 25.49 7.69
CA GLU B 175 19.53 24.28 8.41
C GLU B 175 18.32 24.57 9.28
N PHE B 176 17.63 23.54 9.72
CA PHE B 176 16.58 23.75 10.67
C PHE B 176 15.51 24.77 10.19
N VAL B 177 15.10 24.61 8.93
CA VAL B 177 13.96 25.34 8.39
C VAL B 177 12.66 24.50 8.58
N VAL B 178 11.60 25.15 9.00
CA VAL B 178 10.32 24.48 9.19
C VAL B 178 9.18 25.34 8.65
N GLY B 179 7.97 24.76 8.59
CA GLY B 179 6.80 25.50 8.14
C GLY B 179 6.45 25.17 6.72
N TYR B 180 5.18 25.41 6.42
CA TYR B 180 4.66 25.25 5.09
C TYR B 180 4.95 23.90 4.51
N GLY B 181 4.75 22.89 5.37
CA GLY B 181 4.94 21.51 5.04
C GLY B 181 6.21 20.89 5.61
N LEU B 182 7.23 21.72 5.85
CA LEU B 182 8.49 21.26 6.47
C LEU B 182 8.34 21.11 7.98
N ASP B 183 8.86 20.02 8.49
CA ASP B 183 8.69 19.66 9.89
C ASP B 183 10.00 19.61 10.65
N TYR B 184 9.86 19.64 11.97
CA TYR B 184 10.97 19.24 12.87
C TYR B 184 10.32 18.27 13.84
N LYS B 185 10.70 16.99 13.74
CA LYS B 185 10.13 15.92 14.55
C LYS B 185 8.59 15.86 14.42
N GLU B 186 8.10 16.01 13.19
CA GLU B 186 6.66 16.01 12.83
C GLU B 186 5.82 17.22 13.20
N GLN B 187 6.42 18.19 13.87
N GLN B 187 6.42 18.19 13.90
CA GLN B 187 5.76 19.44 14.20
CA GLN B 187 5.75 19.42 14.25
C GLN B 187 6.07 20.55 13.21
C GLN B 187 6.07 20.55 13.24
N TYR B 188 5.28 21.64 13.29
CA TYR B 188 5.43 22.86 12.50
C TYR B 188 5.04 22.84 11.00
N ARG B 189 4.60 21.71 10.47
CA ARG B 189 4.20 21.67 9.06
C ARG B 189 3.08 22.66 8.73
N ASN B 190 2.25 22.96 9.72
CA ASN B 190 1.07 23.79 9.55
C ASN B 190 1.31 25.30 9.66
N LEU B 191 2.54 25.71 9.84
CA LEU B 191 2.85 27.13 9.80
C LEU B 191 2.60 27.65 8.40
N PRO B 192 2.05 28.86 8.28
CA PRO B 192 1.80 29.45 6.96
C PRO B 192 3.03 30.17 6.34
N TYR B 193 4.18 30.06 6.97
CA TYR B 193 5.45 30.64 6.46
C TYR B 193 6.52 29.64 6.72
N VAL B 194 7.71 29.98 6.24
CA VAL B 194 8.87 29.14 6.41
C VAL B 194 9.75 29.93 7.39
N GLY B 195 10.06 29.27 8.50
CA GLY B 195 10.89 29.86 9.51
C GLY B 195 12.13 29.06 9.86
N VAL B 196 13.04 29.73 10.57
CA VAL B 196 14.25 29.10 11.13
C VAL B 196 14.02 28.94 12.65
N LEU B 197 14.23 27.74 13.15
CA LEU B 197 14.07 27.45 14.60
C LEU B 197 15.11 28.10 15.50
N LYS B 198 14.71 28.56 16.68
CA LYS B 198 15.71 28.94 17.71
C LYS B 198 16.60 27.71 18.03
N PRO B 199 17.92 27.91 18.19
CA PRO B 199 18.78 26.77 18.54
C PRO B 199 18.33 26.09 19.83
N SER B 200 17.75 26.84 20.76
CA SER B 200 17.29 26.23 22.02
C SER B 200 16.24 25.15 21.81
N VAL B 201 15.50 25.23 20.69
CA VAL B 201 14.38 24.34 20.44
C VAL B 201 14.82 22.94 20.12
N TYR B 202 15.93 22.85 19.42
CA TYR B 202 16.51 21.59 19.05
C TYR B 202 17.87 21.43 19.75
N SER B 203 18.13 22.30 20.74
CA SER B 203 19.42 22.37 21.46
C SER B 203 20.63 22.45 20.50
N ALA C 24 -20.86 -32.47 -4.68
CA ALA C 24 -20.70 -31.33 -3.70
C ALA C 24 -19.23 -30.96 -3.41
N MET C 25 -18.26 -31.68 -3.98
N MET C 25 -18.29 -31.68 -4.03
CA MET C 25 -16.88 -31.30 -3.75
CA MET C 25 -16.85 -31.47 -3.82
C MET C 25 -16.11 -31.00 -5.03
C MET C 25 -16.14 -30.94 -5.06
N MET C 26 -14.95 -30.36 -4.85
CA MET C 26 -14.18 -29.77 -5.94
C MET C 26 -13.89 -30.67 -7.10
N ASN C 27 -13.42 -31.90 -6.86
N ASN C 27 -13.62 -31.96 -6.83
CA ASN C 27 -13.03 -32.77 -7.98
CA ASN C 27 -13.31 -32.94 -7.88
C ASN C 27 -14.19 -33.03 -8.95
C ASN C 27 -14.35 -32.98 -8.99
N GLN C 28 -15.39 -32.77 -8.46
N GLN C 28 -15.61 -32.99 -8.59
CA GLN C 28 -16.63 -32.92 -9.21
CA GLN C 28 -16.70 -33.03 -9.53
C GLN C 28 -16.85 -31.77 -10.21
C GLN C 28 -16.67 -31.85 -10.49
N ASP C 29 -16.01 -30.74 -10.14
CA ASP C 29 -16.03 -29.57 -11.08
C ASP C 29 -14.91 -29.68 -12.11
N ILE C 30 -14.10 -30.71 -12.00
CA ILE C 30 -12.92 -30.84 -12.83
C ILE C 30 -13.19 -31.89 -13.91
N GLU C 31 -13.02 -31.50 -15.15
CA GLU C 31 -13.26 -32.39 -16.26
C GLU C 31 -12.10 -33.32 -16.38
N LYS C 32 -10.88 -32.80 -16.21
CA LYS C 32 -9.69 -33.63 -16.38
C LYS C 32 -8.50 -33.02 -15.63
N VAL C 33 -7.67 -33.90 -15.07
CA VAL C 33 -6.40 -33.51 -14.43
C VAL C 33 -5.40 -33.46 -15.54
N LEU C 34 -4.78 -32.31 -15.74
CA LEU C 34 -3.77 -32.18 -16.77
C LEU C 34 -2.40 -32.55 -16.24
N ILE C 35 -2.09 -32.14 -15.02
CA ILE C 35 -0.79 -32.45 -14.43
C ILE C 35 -1.08 -32.88 -13.01
N SER C 36 -0.79 -34.13 -12.71
CA SER C 36 -1.14 -34.70 -11.45
C SER C 36 -0.24 -34.18 -10.35
N GLU C 37 -0.67 -34.41 -9.13
CA GLU C 37 0.10 -33.95 -7.99
C GLU C 37 1.47 -34.61 -7.99
N GLU C 38 1.50 -35.91 -8.24
CA GLU C 38 2.76 -36.61 -8.37
C GLU C 38 3.65 -36.02 -9.45
N GLN C 39 3.14 -35.62 -10.61
CA GLN C 39 4.03 -35.01 -11.63
C GLN C 39 4.57 -33.66 -11.15
N ILE C 40 3.72 -32.89 -10.47
CA ILE C 40 4.17 -31.59 -9.91
C ILE C 40 5.25 -31.78 -8.85
N GLN C 41 5.09 -32.72 -7.93
CA GLN C 41 6.12 -33.00 -6.89
C GLN C 41 7.48 -33.40 -7.49
N GLU C 42 7.46 -34.27 -8.50
CA GLU C 42 8.70 -34.67 -9.14
C GLU C 42 9.35 -33.49 -9.85
N LYS C 43 8.51 -32.68 -10.50
CA LYS C 43 9.03 -31.49 -11.18
C LYS C 43 9.62 -30.47 -10.19
N VAL C 44 8.93 -30.23 -9.09
CA VAL C 44 9.40 -29.28 -8.08
C VAL C 44 10.73 -29.76 -7.50
N LEU C 45 10.84 -31.06 -7.30
CA LEU C 45 12.08 -31.63 -6.81
C LEU C 45 13.22 -31.36 -7.78
N GLU C 46 12.99 -31.56 -9.07
CA GLU C 46 13.99 -31.35 -10.09
C GLU C 46 14.36 -29.88 -10.19
N LEU C 47 13.34 -29.03 -10.24
CA LEU C 47 13.63 -27.61 -10.39
C LEU C 47 14.43 -27.04 -9.22
N GLY C 48 14.09 -27.46 -8.01
CA GLY C 48 14.75 -26.98 -6.81
C GLY C 48 16.21 -27.38 -6.77
N ALA C 49 16.53 -28.59 -7.25
CA ALA C 49 17.93 -29.02 -7.25
C ALA C 49 18.75 -28.17 -8.26
N ILE C 50 18.16 -27.86 -9.40
CA ILE C 50 18.81 -27.01 -10.41
C ILE C 50 19.03 -25.60 -9.88
N ILE C 51 17.96 -25.04 -9.31
CA ILE C 51 18.05 -23.70 -8.74
C ILE C 51 19.06 -23.66 -7.58
N ALA C 52 19.09 -24.68 -6.70
CA ALA C 52 20.07 -24.68 -5.59
C ALA C 52 21.49 -24.61 -6.14
N GLU C 53 21.76 -25.39 -7.19
CA GLU C 53 23.08 -25.39 -7.80
C GLU C 53 23.42 -24.06 -8.44
N ASP C 54 22.48 -23.51 -9.21
CA ASP C 54 22.76 -22.26 -9.91
C ASP C 54 23.02 -21.07 -8.99
N TYR C 55 22.37 -21.05 -7.83
CA TYR C 55 22.52 -19.99 -6.84
C TYR C 55 23.36 -20.43 -5.62
N LYS C 56 24.26 -21.41 -5.80
CA LYS C 56 25.05 -21.91 -4.65
C LYS C 56 25.90 -20.81 -4.01
N ASN C 57 26.40 -19.89 -4.82
CA ASN C 57 27.36 -18.93 -4.32
C ASN C 57 26.79 -17.76 -3.56
N THR C 58 25.66 -17.25 -4.00
CA THR C 58 25.09 -16.08 -3.39
C THR C 58 23.64 -16.28 -3.05
N VAL C 59 23.18 -15.62 -2.00
CA VAL C 59 21.82 -15.76 -1.53
C VAL C 59 20.92 -14.81 -2.32
N PRO C 60 20.13 -15.36 -3.22
CA PRO C 60 19.21 -14.56 -4.01
C PRO C 60 17.99 -14.10 -3.23
N LEU C 61 17.26 -13.16 -3.79
CA LEU C 61 15.96 -12.73 -3.21
C LEU C 61 14.91 -13.39 -4.13
N ALA C 62 14.19 -14.35 -3.59
CA ALA C 62 13.16 -15.07 -4.32
C ALA C 62 11.84 -14.35 -4.06
N ILE C 63 11.21 -13.89 -5.11
CA ILE C 63 10.02 -13.08 -5.07
C ILE C 63 8.82 -13.76 -5.71
N GLY C 64 7.69 -13.81 -5.02
CA GLY C 64 6.44 -14.31 -5.61
C GLY C 64 5.46 -13.17 -5.78
N VAL C 65 4.77 -13.09 -6.91
CA VAL C 65 3.69 -12.12 -7.05
C VAL C 65 2.41 -12.82 -6.60
N LEU C 66 1.77 -12.23 -5.63
CA LEU C 66 0.55 -12.76 -5.07
C LEU C 66 -0.56 -12.66 -6.13
N LYS C 67 -1.57 -13.53 -6.08
CA LYS C 67 -1.71 -14.61 -5.09
C LYS C 67 -1.24 -15.95 -5.65
N GLY C 68 -1.31 -16.10 -6.96
CA GLY C 68 -1.18 -17.40 -7.63
C GLY C 68 0.13 -18.15 -7.51
N ALA C 69 1.20 -17.42 -7.34
CA ALA C 69 2.52 -18.05 -7.19
C ALA C 69 2.76 -18.74 -5.86
N MET C 70 1.93 -18.47 -4.85
N MET C 70 1.93 -18.48 -4.85
CA MET C 70 2.25 -18.95 -3.51
CA MET C 70 2.22 -18.95 -3.50
C MET C 70 2.47 -20.47 -3.35
C MET C 70 2.44 -20.46 -3.30
N PRO C 71 1.52 -21.31 -3.79
CA PRO C 71 1.75 -22.78 -3.56
C PRO C 71 3.01 -23.32 -4.21
N PHE C 72 3.27 -22.95 -5.47
CA PHE C 72 4.46 -23.39 -6.19
C PHE C 72 5.72 -22.84 -5.53
N MET C 73 5.68 -21.59 -5.10
CA MET C 73 6.85 -20.99 -4.48
C MET C 73 7.23 -21.70 -3.17
N ALA C 74 6.20 -22.01 -2.38
CA ALA C 74 6.40 -22.71 -1.12
C ALA C 74 7.04 -24.07 -1.33
N ASP C 75 6.50 -24.85 -2.28
CA ASP C 75 6.99 -26.20 -2.48
C ASP C 75 8.31 -26.19 -3.22
N LEU C 76 8.51 -25.24 -4.15
CA LEU C 76 9.78 -25.15 -4.88
C LEU C 76 10.89 -24.76 -3.89
N LEU C 77 10.68 -23.72 -3.12
CA LEU C 77 11.76 -23.26 -2.27
C LEU C 77 12.14 -24.25 -1.16
N LYS C 78 11.16 -25.02 -0.67
CA LYS C 78 11.39 -26.11 0.27
C LYS C 78 12.35 -27.16 -0.26
N ARG C 79 12.37 -27.32 -1.59
CA ARG C 79 13.21 -28.25 -2.27
C ARG C 79 14.45 -27.61 -2.87
N THR C 80 14.71 -26.37 -2.48
CA THR C 80 15.87 -25.60 -2.95
C THR C 80 16.80 -25.48 -1.74
N ASP C 81 17.75 -26.40 -1.67
CA ASP C 81 18.71 -26.47 -0.56
C ASP C 81 19.84 -25.45 -0.73
N THR C 82 19.52 -24.18 -0.58
CA THR C 82 20.53 -23.14 -0.59
C THR C 82 20.01 -21.94 0.19
N TYR C 83 20.93 -21.09 0.58
CA TYR C 83 20.59 -19.89 1.29
C TYR C 83 19.87 -18.95 0.34
N LEU C 84 18.67 -18.53 0.78
CA LEU C 84 17.90 -17.53 0.07
C LEU C 84 16.99 -16.74 1.02
N GLU C 85 16.54 -15.62 0.51
CA GLU C 85 15.59 -14.73 1.19
C GLU C 85 14.29 -14.73 0.35
N MET C 86 13.13 -14.78 1.00
CA MET C 86 11.84 -14.75 0.33
C MET C 86 11.20 -13.39 0.49
N ASP C 87 10.49 -12.96 -0.53
CA ASP C 87 9.76 -11.70 -0.45
C ASP C 87 8.59 -11.78 -1.43
N PHE C 88 7.69 -10.82 -1.35
CA PHE C 88 6.48 -10.88 -2.09
C PHE C 88 6.06 -9.48 -2.57
N MET C 89 5.39 -9.46 -3.71
CA MET C 89 4.79 -8.22 -4.19
C MET C 89 3.31 -8.46 -4.47
N ALA C 90 2.53 -7.37 -4.37
CA ALA C 90 1.14 -7.42 -4.71
C ALA C 90 0.97 -6.27 -5.66
N VAL C 91 0.19 -6.49 -6.71
CA VAL C 91 -0.04 -5.46 -7.69
C VAL C 91 -1.52 -5.46 -8.05
N SER C 92 -1.99 -4.37 -8.65
CA SER C 92 -3.33 -4.36 -9.24
C SER C 92 -3.38 -3.66 -10.63
N SER C 93 -4.40 -3.95 -11.43
CA SER C 93 -4.50 -3.39 -12.76
C SER C 93 -4.86 -1.92 -12.76
N TYR C 94 -4.30 -1.20 -13.72
CA TYR C 94 -4.66 0.19 -13.99
C TYR C 94 -5.66 0.27 -15.16
N GLY C 95 -6.03 -0.88 -15.73
CA GLY C 95 -6.94 -0.90 -16.89
C GLY C 95 -6.13 -1.02 -18.18
N HIS C 96 -6.33 -0.09 -19.11
CA HIS C 96 -5.68 -0.18 -20.39
C HIS C 96 -4.17 -0.29 -20.38
N SER C 97 -3.45 0.53 -19.61
CA SER C 97 -1.97 0.38 -19.63
C SER C 97 -1.51 -0.99 -19.17
N THR C 98 -2.28 -1.64 -18.30
CA THR C 98 -1.91 -2.94 -17.80
C THR C 98 -1.96 -3.97 -18.95
N VAL C 99 -3.08 -3.93 -19.66
CA VAL C 99 -3.27 -4.79 -20.84
C VAL C 99 -2.35 -4.46 -21.99
N SER C 100 -1.80 -3.25 -22.08
CA SER C 100 -0.93 -2.94 -23.21
C SER C 100 0.56 -2.85 -22.89
N THR C 101 0.94 -2.39 -21.71
CA THR C 101 2.36 -2.27 -21.39
C THR C 101 2.78 -3.16 -20.21
N GLY C 102 1.80 -3.70 -19.50
CA GLY C 102 2.07 -4.48 -18.30
C GLY C 102 2.18 -3.63 -17.03
N GLU C 103 2.20 -2.30 -17.17
CA GLU C 103 2.28 -1.38 -16.03
C GLU C 103 1.14 -1.69 -15.07
N VAL C 104 1.49 -1.89 -13.80
CA VAL C 104 0.55 -2.21 -12.75
C VAL C 104 0.84 -1.34 -11.54
N LYS C 105 -0.19 -1.16 -10.72
N LYS C 105 -0.18 -1.20 -10.71
CA LYS C 105 -0.07 -0.43 -9.46
CA LYS C 105 -0.08 -0.44 -9.48
C LYS C 105 0.61 -1.33 -8.45
C LYS C 105 0.57 -1.31 -8.42
N ILE C 106 1.61 -0.80 -7.76
CA ILE C 106 2.28 -1.56 -6.70
C ILE C 106 1.50 -1.37 -5.40
N LEU C 107 0.94 -2.44 -4.89
CA LEU C 107 0.16 -2.40 -3.66
C LEU C 107 1.03 -2.81 -2.47
N LYS C 108 2.03 -3.65 -2.73
CA LYS C 108 2.96 -4.06 -1.73
C LYS C 108 4.30 -4.24 -2.42
N ASP C 109 5.27 -3.39 -2.08
CA ASP C 109 6.59 -3.41 -2.69
C ASP C 109 7.45 -4.35 -1.83
N LEU C 110 8.62 -4.65 -2.31
CA LEU C 110 9.55 -5.48 -1.56
C LEU C 110 9.98 -4.85 -0.25
N ASP C 111 10.25 -5.75 0.69
CA ASP C 111 10.65 -5.40 2.02
C ASP C 111 12.09 -4.95 2.05
N THR C 112 12.85 -5.29 1.03
CA THR C 112 14.23 -4.93 0.99
C THR C 112 14.56 -4.40 -0.40
N SER C 113 15.68 -3.71 -0.49
CA SER C 113 16.07 -3.04 -1.70
C SER C 113 16.54 -4.04 -2.74
N VAL C 114 16.39 -3.66 -4.00
CA VAL C 114 16.76 -4.54 -5.07
C VAL C 114 18.22 -4.36 -5.52
N GLU C 115 18.77 -3.15 -5.34
CA GLU C 115 20.07 -2.84 -5.93
C GLU C 115 21.11 -3.86 -5.57
N GLY C 116 21.79 -4.38 -6.57
CA GLY C 116 22.90 -5.28 -6.32
C GLY C 116 22.54 -6.70 -5.97
N ARG C 117 21.24 -7.03 -5.92
CA ARG C 117 20.81 -8.39 -5.59
C ARG C 117 20.51 -9.23 -6.84
N ASP C 118 20.67 -10.54 -6.71
CA ASP C 118 20.23 -11.50 -7.72
C ASP C 118 18.78 -11.77 -7.40
N ILE C 119 17.87 -11.51 -8.33
CA ILE C 119 16.46 -11.70 -8.10
C ILE C 119 16.00 -12.95 -8.83
N LEU C 120 15.20 -13.79 -8.15
CA LEU C 120 14.52 -14.90 -8.80
C LEU C 120 13.03 -14.72 -8.60
N ILE C 121 12.32 -14.44 -9.69
CA ILE C 121 10.87 -14.30 -9.65
C ILE C 121 10.23 -15.66 -9.85
N VAL C 122 9.33 -16.03 -8.93
CA VAL C 122 8.60 -17.30 -8.95
C VAL C 122 7.16 -17.06 -9.38
N GLU C 123 6.71 -17.74 -10.44
CA GLU C 123 5.41 -17.48 -11.02
C GLU C 123 4.64 -18.78 -11.20
N ASP C 124 3.32 -18.70 -11.26
CA ASP C 124 2.52 -19.88 -11.46
C ASP C 124 2.34 -20.15 -12.95
N ILE C 125 2.08 -19.09 -13.70
CA ILE C 125 1.90 -19.16 -15.14
C ILE C 125 2.30 -17.87 -15.84
N ILE C 126 2.92 -18.00 -17.01
CA ILE C 126 3.22 -16.87 -17.85
C ILE C 126 2.44 -17.10 -19.16
N ASP C 127 1.64 -16.09 -19.55
CA ASP C 127 0.80 -16.11 -20.76
C ASP C 127 1.19 -14.96 -21.64
N SER C 128 0.58 -13.79 -21.45
CA SER C 128 0.99 -12.60 -22.22
C SER C 128 2.38 -12.15 -21.86
N GLY C 129 2.69 -12.27 -20.56
CA GLY C 129 3.99 -11.90 -20.07
C GLY C 129 4.17 -10.42 -19.87
N LEU C 130 3.10 -9.64 -20.09
CA LEU C 130 3.23 -8.20 -20.05
C LEU C 130 3.58 -7.68 -18.66
N THR C 131 2.82 -8.08 -17.66
CA THR C 131 3.06 -7.64 -16.27
C THR C 131 4.39 -8.14 -15.72
N LEU C 132 4.68 -9.41 -15.99
CA LEU C 132 5.91 -10.00 -15.54
C LEU C 132 7.09 -9.28 -16.19
N SER C 133 6.94 -8.89 -17.44
CA SER C 133 8.00 -8.14 -18.12
C SER C 133 8.17 -6.72 -17.53
N TYR C 134 7.04 -6.08 -17.19
CA TYR C 134 7.07 -4.77 -16.55
C TYR C 134 7.87 -4.86 -15.21
N LEU C 135 7.63 -5.93 -14.46
CA LEU C 135 8.28 -6.18 -13.18
C LEU C 135 9.80 -6.49 -13.33
N VAL C 136 10.16 -7.31 -14.30
CA VAL C 136 11.56 -7.64 -14.58
C VAL C 136 12.35 -6.39 -14.88
N ASP C 137 11.81 -5.54 -15.73
CA ASP C 137 12.52 -4.35 -16.16
C ASP C 137 12.48 -3.27 -15.07
N LEU C 138 11.51 -3.36 -14.19
CA LEU C 138 11.52 -2.51 -13.01
C LEU C 138 12.69 -2.91 -12.09
N PHE C 139 12.92 -4.19 -11.90
CA PHE C 139 14.02 -4.65 -11.05
C PHE C 139 15.38 -4.28 -11.65
N LYS C 140 15.45 -4.31 -12.96
CA LYS C 140 16.65 -3.83 -13.68
C LYS C 140 16.81 -2.32 -13.53
N TYR C 141 15.71 -1.56 -13.59
CA TYR C 141 15.77 -0.12 -13.33
C TYR C 141 16.27 0.07 -11.90
N ARG C 142 15.81 -0.76 -10.98
CA ARG C 142 16.30 -0.70 -9.61
C ARG C 142 17.74 -1.27 -9.39
N LYS C 143 18.43 -1.57 -10.46
CA LYS C 143 19.84 -2.03 -10.44
C LYS C 143 20.08 -3.42 -9.85
N ALA C 144 19.16 -4.33 -10.13
CA ALA C 144 19.33 -5.75 -9.72
C ALA C 144 20.64 -6.27 -10.35
N LYS C 145 21.30 -7.15 -9.65
CA LYS C 145 22.52 -7.76 -10.22
C LYS C 145 22.11 -8.62 -11.41
N SER C 146 21.02 -9.39 -11.24
CA SER C 146 20.47 -10.24 -12.28
C SER C 146 18.97 -10.46 -11.96
N VAL C 147 18.20 -10.81 -12.96
CA VAL C 147 16.81 -11.19 -12.80
C VAL C 147 16.54 -12.46 -13.60
N LYS C 148 16.09 -13.50 -12.92
CA LYS C 148 15.67 -14.74 -13.56
C LYS C 148 14.25 -15.11 -13.13
N ILE C 149 13.58 -15.93 -13.95
CA ILE C 149 12.23 -16.32 -13.75
C ILE C 149 12.08 -17.85 -13.75
N VAL C 150 11.33 -18.34 -12.78
CA VAL C 150 10.95 -19.75 -12.76
C VAL C 150 9.44 -19.77 -12.70
N THR C 151 8.85 -20.47 -13.65
CA THR C 151 7.40 -20.57 -13.68
C THR C 151 6.99 -22.02 -13.66
N LEU C 152 5.91 -22.35 -12.97
CA LEU C 152 5.40 -23.71 -12.98
C LEU C 152 4.87 -24.06 -14.38
N LEU C 153 3.99 -23.19 -14.88
CA LEU C 153 3.39 -23.31 -16.22
C LEU C 153 3.80 -22.16 -17.16
N ASP C 154 3.94 -22.50 -18.43
CA ASP C 154 4.25 -21.53 -19.45
C ASP C 154 3.31 -21.75 -20.67
N LYS C 155 2.81 -20.65 -21.24
CA LYS C 155 2.01 -20.69 -22.45
C LYS C 155 2.61 -19.69 -23.42
N PRO C 156 3.68 -20.10 -24.11
CA PRO C 156 4.44 -19.21 -24.98
C PRO C 156 3.68 -18.71 -26.22
N THR C 157 2.63 -19.45 -26.58
CA THR C 157 1.83 -19.09 -27.73
C THR C 157 1.01 -17.86 -27.38
N GLY C 158 0.92 -17.55 -26.07
CA GLY C 158 0.15 -16.39 -25.59
C GLY C 158 0.92 -15.09 -25.45
N ARG C 159 2.23 -15.11 -25.68
CA ARG C 159 3.03 -13.93 -25.45
C ARG C 159 2.63 -12.68 -26.25
N LYS C 160 2.67 -11.53 -25.57
CA LYS C 160 2.49 -10.23 -26.20
C LYS C 160 3.75 -9.43 -26.04
N VAL C 161 4.80 -10.09 -25.56
CA VAL C 161 6.12 -9.47 -25.39
C VAL C 161 7.11 -10.60 -25.43
N ASP C 162 8.34 -10.33 -25.87
CA ASP C 162 9.39 -11.35 -25.83
C ASP C 162 9.92 -11.48 -24.40
N LEU C 163 9.53 -12.53 -23.72
CA LEU C 163 9.94 -12.80 -22.36
C LEU C 163 10.06 -14.29 -22.23
N LYS C 164 11.27 -14.79 -22.06
CA LYS C 164 11.46 -16.22 -21.85
C LYS C 164 11.80 -16.51 -20.39
N ALA C 165 11.11 -17.50 -19.79
CA ALA C 165 11.39 -17.93 -18.43
C ALA C 165 12.73 -18.63 -18.43
N ASP C 166 13.48 -18.56 -17.35
CA ASP C 166 14.72 -19.31 -17.28
C ASP C 166 14.48 -20.76 -16.88
N TYR C 167 13.44 -21.01 -16.10
CA TYR C 167 13.14 -22.34 -15.60
C TYR C 167 11.62 -22.50 -15.71
N VAL C 168 11.21 -23.63 -16.30
CA VAL C 168 9.81 -23.92 -16.58
C VAL C 168 9.45 -25.33 -16.17
N GLY C 169 8.32 -25.46 -15.51
CA GLY C 169 7.79 -26.78 -15.12
C GLY C 169 7.15 -27.53 -16.30
N PHE C 170 6.09 -26.94 -16.82
CA PHE C 170 5.27 -27.54 -17.83
C PHE C 170 4.78 -26.49 -18.85
N THR C 171 4.72 -26.92 -20.10
CA THR C 171 4.22 -26.10 -21.18
C THR C 171 2.83 -26.54 -21.40
N VAL C 172 1.96 -25.58 -21.38
CA VAL C 172 0.56 -25.83 -21.46
C VAL C 172 0.07 -25.13 -22.75
N PRO C 173 -1.15 -25.51 -23.18
N PRO C 173 -0.65 -25.90 -23.60
CA PRO C 173 -1.89 -24.80 -24.18
CA PRO C 173 -1.13 -25.33 -24.86
C PRO C 173 -2.96 -24.11 -23.38
C PRO C 173 -2.00 -24.12 -24.61
N HIS C 174 -3.21 -22.83 -23.63
N HIS C 174 -2.85 -24.21 -23.59
CA HIS C 174 -4.26 -22.10 -22.95
CA HIS C 174 -3.76 -23.14 -23.28
C HIS C 174 -4.05 -21.95 -21.43
C HIS C 174 -3.77 -22.79 -21.80
N GLU C 175 -4.56 -20.82 -20.95
N GLU C 175 -4.58 -21.78 -21.47
CA GLU C 175 -4.50 -20.43 -19.54
CA GLU C 175 -4.60 -21.19 -20.14
C GLU C 175 -5.82 -20.78 -18.83
C GLU C 175 -5.87 -21.44 -19.31
N PHE C 176 -6.63 -21.65 -19.45
N PHE C 176 -6.88 -22.12 -19.85
CA PHE C 176 -7.95 -22.07 -18.92
CA PHE C 176 -8.09 -22.34 -19.06
C PHE C 176 -7.84 -23.37 -18.10
C PHE C 176 -7.87 -23.49 -18.06
N VAL C 177 -7.24 -23.20 -16.93
CA VAL C 177 -6.83 -24.22 -16.01
C VAL C 177 -6.95 -23.71 -14.56
N VAL C 178 -7.16 -24.60 -13.60
CA VAL C 178 -7.21 -24.25 -12.17
C VAL C 178 -6.36 -25.21 -11.33
N GLY C 179 -6.10 -24.81 -10.10
CA GLY C 179 -5.31 -25.62 -9.20
C GLY C 179 -3.87 -25.16 -9.02
N TYR C 180 -3.33 -25.59 -7.90
CA TYR C 180 -1.96 -25.30 -7.49
C TYR C 180 -1.62 -23.82 -7.66
N GLY C 181 -2.52 -22.97 -7.17
CA GLY C 181 -2.40 -21.53 -7.26
C GLY C 181 -3.33 -20.87 -8.24
N LEU C 182 -3.71 -21.58 -9.29
CA LEU C 182 -4.55 -20.97 -10.34
C LEU C 182 -6.03 -21.03 -9.94
N ASP C 183 -6.73 -19.93 -10.17
CA ASP C 183 -8.08 -19.79 -9.71
C ASP C 183 -9.12 -19.70 -10.79
N TYR C 184 -10.37 -19.89 -10.37
CA TYR C 184 -11.53 -19.45 -11.14
C TYR C 184 -12.38 -18.72 -10.13
N LYS C 185 -12.59 -17.43 -10.40
CA LYS C 185 -13.26 -16.52 -9.45
C LYS C 185 -12.81 -16.72 -7.97
N GLU C 186 -11.50 -16.76 -7.77
CA GLU C 186 -10.87 -16.86 -6.46
C GLU C 186 -10.93 -18.20 -5.77
N GLN C 187 -11.54 -19.19 -6.41
CA GLN C 187 -11.58 -20.52 -5.87
C GLN C 187 -10.68 -21.47 -6.66
N TYR C 188 -10.51 -22.68 -6.13
CA TYR C 188 -9.73 -23.76 -6.71
C TYR C 188 -8.21 -23.67 -6.56
N ARG C 189 -7.70 -22.58 -6.01
CA ARG C 189 -6.24 -22.41 -5.94
C ARG C 189 -5.59 -23.51 -5.07
N ASN C 190 -6.37 -24.02 -4.11
CA ASN C 190 -5.90 -25.05 -3.17
C ASN C 190 -5.90 -26.48 -3.69
N LEU C 191 -6.34 -26.73 -4.91
CA LEU C 191 -6.16 -28.10 -5.47
C LEU C 191 -4.67 -28.41 -5.56
N PRO C 192 -4.26 -29.65 -5.20
CA PRO C 192 -2.84 -30.05 -5.26
C PRO C 192 -2.43 -30.54 -6.64
N TYR C 193 -3.27 -30.33 -7.63
CA TYR C 193 -3.01 -30.69 -9.03
C TYR C 193 -3.52 -29.57 -9.92
N VAL C 194 -3.19 -29.65 -11.21
CA VAL C 194 -3.63 -28.70 -12.21
C VAL C 194 -4.70 -29.37 -13.06
N GLY C 195 -5.89 -28.79 -13.10
CA GLY C 195 -6.95 -29.34 -13.93
C GLY C 195 -7.73 -28.35 -14.77
N VAL C 196 -8.63 -28.92 -15.56
CA VAL C 196 -9.50 -28.18 -16.45
C VAL C 196 -10.91 -28.26 -15.91
N LEU C 197 -11.56 -27.11 -15.76
CA LEU C 197 -12.94 -27.11 -15.26
C LEU C 197 -13.95 -27.65 -16.27
N LYS C 198 -15.02 -28.27 -15.76
CA LYS C 198 -16.13 -28.64 -16.60
C LYS C 198 -16.79 -27.37 -17.08
N PRO C 199 -17.28 -27.39 -18.32
CA PRO C 199 -17.85 -26.19 -18.90
C PRO C 199 -18.98 -25.60 -18.10
N SER C 200 -19.75 -26.43 -17.39
CA SER C 200 -20.89 -25.93 -16.59
C SER C 200 -20.49 -24.98 -15.44
N VAL C 201 -19.25 -25.11 -14.98
CA VAL C 201 -18.79 -24.27 -13.89
C VAL C 201 -18.69 -22.80 -14.30
N TYR C 202 -18.20 -22.53 -15.50
CA TYR C 202 -18.08 -21.16 -15.96
C TYR C 202 -19.07 -20.78 -17.10
N SER C 203 -20.01 -21.68 -17.40
CA SER C 203 -21.04 -21.52 -18.45
C SER C 203 -20.40 -21.62 -19.82
N ALA D 24 28.64 -23.20 4.02
CA ALA D 24 28.50 -24.47 3.23
C ALA D 24 27.01 -24.72 2.98
N MET D 25 26.46 -25.78 3.58
N MET D 25 26.46 -25.77 3.58
CA MET D 25 25.06 -26.17 3.42
CA MET D 25 25.06 -26.10 3.41
C MET D 25 24.30 -25.73 4.68
C MET D 25 24.30 -25.72 4.68
N MET D 26 23.03 -25.40 4.52
CA MET D 26 22.19 -24.95 5.64
C MET D 26 22.15 -25.94 6.77
N ASN D 27 22.07 -27.23 6.49
N ASN D 27 22.04 -27.23 6.47
CA ASN D 27 22.11 -28.21 7.59
CA ASN D 27 21.96 -28.25 7.52
C ASN D 27 23.35 -27.99 8.49
C ASN D 27 23.09 -28.14 8.55
N GLN D 28 24.41 -27.43 7.92
N GLN D 28 24.24 -27.64 8.12
CA GLN D 28 25.64 -27.10 8.66
CA GLN D 28 25.39 -27.46 9.02
C GLN D 28 25.43 -26.06 9.78
C GLN D 28 25.14 -26.38 10.06
N ASP D 29 24.25 -25.41 9.77
CA ASP D 29 23.94 -24.37 10.76
C ASP D 29 22.88 -24.85 11.77
N ILE D 30 22.34 -26.05 11.55
CA ILE D 30 21.26 -26.56 12.39
C ILE D 30 21.77 -27.49 13.50
N GLU D 31 21.57 -27.11 14.76
CA GLU D 31 22.06 -27.93 15.87
C GLU D 31 21.24 -29.20 15.98
N LYS D 32 19.93 -29.07 15.80
CA LYS D 32 18.99 -30.15 16.01
C LYS D 32 17.67 -29.90 15.26
N VAL D 33 17.12 -30.95 14.66
CA VAL D 33 15.85 -30.91 14.00
C VAL D 33 14.80 -31.16 15.07
N LEU D 34 13.92 -30.20 15.32
CA LEU D 34 12.88 -30.37 16.32
C LEU D 34 11.65 -31.03 15.75
N ILE D 35 11.27 -30.68 14.54
CA ILE D 35 10.10 -31.29 13.92
C ILE D 35 10.50 -31.61 12.50
N SER D 36 10.45 -32.90 12.18
CA SER D 36 10.92 -33.38 10.89
C SER D 36 9.94 -33.06 9.81
N GLU D 37 10.41 -33.14 8.57
CA GLU D 37 9.53 -32.92 7.44
C GLU D 37 8.41 -33.94 7.46
N GLU D 38 8.71 -35.20 7.78
CA GLU D 38 7.68 -36.23 7.80
C GLU D 38 6.64 -35.92 8.85
N GLN D 39 7.06 -35.50 10.03
CA GLN D 39 6.11 -35.12 11.06
C GLN D 39 5.21 -33.94 10.61
N ILE D 40 5.82 -32.94 9.99
CA ILE D 40 5.06 -31.75 9.51
C ILE D 40 4.02 -32.25 8.48
N GLN D 41 4.47 -33.00 7.47
CA GLN D 41 3.57 -33.52 6.43
C GLN D 41 2.38 -34.29 7.04
N GLU D 42 2.61 -35.12 8.04
CA GLU D 42 1.50 -35.87 8.62
C GLU D 42 0.51 -34.97 9.34
N LYS D 43 1.04 -33.96 10.00
CA LYS D 43 0.22 -33.03 10.74
C LYS D 43 -0.61 -32.16 9.82
N VAL D 44 -0.02 -31.69 8.74
CA VAL D 44 -0.70 -30.87 7.76
C VAL D 44 -1.84 -31.67 7.11
N LEU D 45 -1.63 -32.95 6.88
CA LEU D 45 -2.64 -33.81 6.32
C LEU D 45 -3.81 -33.95 7.30
N GLU D 46 -3.48 -34.14 8.57
CA GLU D 46 -4.46 -34.25 9.60
C GLU D 46 -5.22 -32.95 9.74
N LEU D 47 -4.52 -31.83 9.82
CA LEU D 47 -5.24 -30.56 10.05
C LEU D 47 -6.09 -30.19 8.86
N GLY D 48 -5.60 -30.50 7.67
CA GLY D 48 -6.33 -30.15 6.47
C GLY D 48 -7.66 -30.90 6.38
N ALA D 49 -7.65 -32.17 6.78
CA ALA D 49 -8.87 -32.99 6.79
C ALA D 49 -9.85 -32.45 7.83
N ILE D 50 -9.32 -32.00 8.97
CA ILE D 50 -10.18 -31.43 10.00
C ILE D 50 -10.81 -30.10 9.55
N ILE D 51 -10.00 -29.24 8.97
CA ILE D 51 -10.52 -27.96 8.49
C ILE D 51 -11.51 -28.13 7.35
N ALA D 52 -11.23 -29.08 6.46
CA ALA D 52 -12.16 -29.34 5.35
C ALA D 52 -13.56 -29.71 5.84
N GLU D 53 -13.63 -30.55 6.88
CA GLU D 53 -14.91 -30.95 7.47
C GLU D 53 -15.59 -29.81 8.22
N ASP D 54 -14.82 -29.01 8.96
CA ASP D 54 -15.43 -27.89 9.69
C ASP D 54 -15.98 -26.79 8.79
N TYR D 55 -15.42 -26.59 7.61
CA TYR D 55 -15.90 -25.56 6.71
C TYR D 55 -16.55 -26.14 5.44
N LYS D 56 -17.14 -27.32 5.56
CA LYS D 56 -17.69 -28.03 4.42
C LYS D 56 -18.78 -27.28 3.65
N ASN D 57 -19.63 -26.50 4.30
CA ASN D 57 -20.67 -25.80 3.54
C ASN D 57 -20.63 -24.28 3.58
N THR D 58 -19.42 -23.73 3.67
CA THR D 58 -19.22 -22.30 3.65
C THR D 58 -17.82 -22.09 3.16
N VAL D 59 -17.65 -21.36 2.06
CA VAL D 59 -16.32 -21.06 1.55
C VAL D 59 -15.69 -19.95 2.35
N PRO D 60 -14.76 -20.31 3.21
CA PRO D 60 -14.13 -19.30 4.01
C PRO D 60 -13.09 -18.53 3.26
N LEU D 61 -12.65 -17.43 3.89
CA LEU D 61 -11.51 -16.65 3.42
C LEU D 61 -10.34 -17.06 4.30
N ALA D 62 -9.37 -17.76 3.72
CA ALA D 62 -8.14 -18.23 4.37
C ALA D 62 -7.08 -17.18 4.13
N ILE D 63 -6.59 -16.61 5.22
CA ILE D 63 -5.72 -15.44 5.18
C ILE D 63 -4.41 -15.75 5.85
N GLY D 64 -3.32 -15.44 5.18
CA GLY D 64 -1.98 -15.56 5.81
C GLY D 64 -1.32 -14.21 5.96
N VAL D 65 -0.57 -14.05 7.04
CA VAL D 65 0.16 -12.81 7.27
C VAL D 65 1.57 -13.08 6.78
N LEU D 66 1.99 -12.28 5.84
CA LEU D 66 3.30 -12.39 5.25
C LEU D 66 4.37 -12.12 6.34
N LYS D 67 5.52 -12.76 6.25
CA LYS D 67 5.89 -13.72 5.20
C LYS D 67 5.89 -15.14 5.73
N GLY D 68 5.98 -15.27 7.04
CA GLY D 68 6.29 -16.57 7.65
C GLY D 68 5.29 -17.69 7.51
N ALA D 69 4.04 -17.30 7.36
CA ALA D 69 2.94 -18.23 7.21
C ALA D 69 2.87 -18.92 5.84
N MET D 70 3.62 -18.42 4.87
N MET D 70 3.59 -18.44 4.84
CA MET D 70 3.50 -18.88 3.50
CA MET D 70 3.43 -18.95 3.49
C MET D 70 3.66 -20.40 3.25
C MET D 70 3.65 -20.45 3.23
N PRO D 71 4.76 -21.03 3.72
CA PRO D 71 4.93 -22.48 3.44
C PRO D 71 3.83 -23.36 4.06
N PHE D 72 3.49 -23.11 5.32
CA PHE D 72 2.49 -23.88 6.03
C PHE D 72 1.13 -23.65 5.36
N MET D 73 0.79 -22.40 5.07
CA MET D 73 -0.48 -22.11 4.41
C MET D 73 -0.60 -22.85 3.11
N ALA D 74 0.46 -22.83 2.31
CA ALA D 74 0.45 -23.51 1.02
C ALA D 74 0.19 -25.02 1.15
N ASP D 75 0.90 -25.72 2.03
CA ASP D 75 0.73 -27.15 2.14
C ASP D 75 -0.52 -27.50 2.91
N LEU D 76 -0.92 -26.66 3.87
CA LEU D 76 -2.14 -26.90 4.62
C LEU D 76 -3.35 -26.85 3.67
N LEU D 77 -3.44 -25.75 2.92
CA LEU D 77 -4.60 -25.55 2.05
C LEU D 77 -4.63 -26.59 0.95
N LYS D 78 -3.47 -27.00 0.45
CA LYS D 78 -3.47 -28.02 -0.56
C LYS D 78 -3.98 -29.39 -0.06
N ARG D 79 -4.09 -29.55 1.27
CA ARG D 79 -4.60 -30.76 1.91
C ARG D 79 -5.97 -30.51 2.49
N THR D 80 -6.59 -29.38 2.14
CA THR D 80 -7.91 -28.98 2.63
C THR D 80 -8.89 -29.07 1.44
N ASP D 81 -9.60 -30.18 1.38
CA ASP D 81 -10.46 -30.49 0.24
C ASP D 81 -11.84 -29.88 0.40
N THR D 82 -11.90 -28.55 0.26
CA THR D 82 -13.15 -27.81 0.30
C THR D 82 -12.92 -26.46 -0.36
N TYR D 83 -14.01 -25.89 -0.82
CA TYR D 83 -13.97 -24.62 -1.49
C TYR D 83 -13.53 -23.57 -0.50
N LEU D 84 -12.51 -22.81 -0.88
CA LEU D 84 -12.05 -21.71 -0.09
C LEU D 84 -11.41 -20.67 -1.02
N GLU D 85 -11.24 -19.47 -0.50
CA GLU D 85 -10.57 -18.37 -1.19
C GLU D 85 -9.31 -18.05 -0.37
N MET D 86 -8.23 -17.74 -1.03
CA MET D 86 -7.02 -17.37 -0.34
C MET D 86 -6.84 -15.84 -0.37
N ASP D 87 -6.24 -15.28 0.69
CA ASP D 87 -5.84 -13.88 0.68
C ASP D 87 -4.68 -13.68 1.64
N PHE D 88 -4.12 -12.48 1.60
CA PHE D 88 -2.91 -12.17 2.35
C PHE D 88 -2.90 -10.75 2.86
N MET D 89 -2.31 -10.58 4.03
CA MET D 89 -2.02 -9.25 4.55
C MET D 89 -0.54 -9.08 4.80
N ALA D 90 -0.09 -7.82 4.73
CA ALA D 90 1.28 -7.46 5.12
C ALA D 90 1.13 -6.33 6.11
N VAL D 91 1.89 -6.40 7.18
CA VAL D 91 1.85 -5.39 8.23
C VAL D 91 3.28 -5.02 8.65
N SER D 92 3.44 -3.89 9.36
CA SER D 92 4.74 -3.49 9.92
C SER D 92 4.51 -2.85 11.29
N SER D 93 5.57 -2.88 12.10
CA SER D 93 5.51 -2.35 13.44
C SER D 93 5.47 -0.85 13.48
N TYR D 94 4.73 -0.33 14.43
CA TYR D 94 4.71 1.07 14.70
C TYR D 94 5.73 1.33 15.82
N GLY D 95 6.28 0.26 16.38
CA GLY D 95 7.17 0.33 17.52
C GLY D 95 6.42 0.04 18.82
N HIS D 96 6.23 1.09 19.60
CA HIS D 96 5.77 0.99 20.95
C HIS D 96 4.32 0.43 21.05
N SER D 97 3.38 0.95 20.26
CA SER D 97 1.97 0.47 20.31
C SER D 97 1.80 -1.02 19.90
N THR D 98 2.73 -1.46 19.03
CA THR D 98 2.76 -2.82 18.49
C THR D 98 3.08 -3.77 19.67
N VAL D 99 4.11 -3.39 20.44
CA VAL D 99 4.49 -4.14 21.66
C VAL D 99 3.74 -3.60 22.87
N SER D 100 2.42 -3.48 22.77
CA SER D 100 1.60 -3.10 23.90
C SER D 100 0.17 -3.53 23.62
N THR D 101 -0.36 -3.13 22.46
CA THR D 101 -1.71 -3.50 22.05
C THR D 101 -1.72 -4.34 20.80
N GLY D 102 -0.57 -4.51 20.17
CA GLY D 102 -0.48 -5.31 18.93
C GLY D 102 -0.82 -4.51 17.66
N GLU D 103 -1.28 -3.26 17.82
CA GLU D 103 -1.55 -2.38 16.68
C GLU D 103 -0.32 -2.31 15.73
N VAL D 104 -0.57 -2.58 14.46
CA VAL D 104 0.45 -2.54 13.42
C VAL D 104 -0.12 -1.77 12.25
N LYS D 105 0.77 -1.34 11.39
CA LYS D 105 0.45 -0.59 10.20
C LYS D 105 0.12 -1.60 9.10
N ILE D 106 -1.05 -1.44 8.47
CA ILE D 106 -1.47 -2.32 7.38
C ILE D 106 -0.78 -1.83 6.10
N LEU D 107 0.05 -2.70 5.54
CA LEU D 107 0.82 -2.38 4.32
C LEU D 107 0.07 -2.91 3.11
N LYS D 108 -0.54 -4.07 3.28
CA LYS D 108 -1.37 -4.62 2.25
C LYS D 108 -2.60 -5.18 2.94
N ASP D 109 -3.74 -4.64 2.59
CA ASP D 109 -5.03 -5.05 3.17
C ASP D 109 -5.52 -6.19 2.30
N LEU D 110 -6.60 -6.82 2.74
CA LEU D 110 -7.21 -7.89 1.99
C LEU D 110 -7.81 -7.37 0.69
N ASP D 111 -7.81 -8.24 -0.32
CA ASP D 111 -8.33 -7.94 -1.63
C ASP D 111 -9.83 -8.01 -1.67
N THR D 112 -10.47 -8.53 -0.64
CA THR D 112 -11.92 -8.57 -0.63
C THR D 112 -12.43 -8.19 0.75
N SER D 113 -13.70 -7.84 0.83
CA SER D 113 -14.30 -7.39 2.08
C SER D 113 -14.44 -8.54 3.06
N VAL D 114 -14.47 -8.20 4.34
CA VAL D 114 -14.53 -9.16 5.40
C VAL D 114 -15.98 -9.40 5.84
N GLU D 115 -16.81 -8.35 5.75
CA GLU D 115 -18.15 -8.42 6.33
C GLU D 115 -18.90 -9.67 5.89
N GLY D 116 -19.49 -10.36 6.85
CA GLY D 116 -20.27 -11.57 6.55
C GLY D 116 -19.44 -12.81 6.21
N ARG D 117 -18.11 -12.71 6.15
CA ARG D 117 -17.29 -13.89 5.80
C ARG D 117 -16.79 -14.67 6.99
N ASP D 118 -16.58 -15.95 6.79
CA ASP D 118 -15.91 -16.78 7.77
C ASP D 118 -14.44 -16.66 7.44
N ILE D 119 -13.63 -16.21 8.41
CA ILE D 119 -12.22 -15.93 8.20
C ILE D 119 -11.39 -17.00 8.91
N LEU D 120 -10.41 -17.55 8.22
CA LEU D 120 -9.50 -18.50 8.83
C LEU D 120 -8.11 -17.91 8.65
N ILE D 121 -7.49 -17.51 9.77
CA ILE D 121 -6.12 -16.96 9.76
C ILE D 121 -5.16 -18.13 9.89
N VAL D 122 -4.21 -18.21 8.98
CA VAL D 122 -3.22 -19.28 8.96
C VAL D 122 -1.94 -18.64 9.45
N GLU D 123 -1.28 -19.21 10.45
CA GLU D 123 -0.08 -18.65 11.00
C GLU D 123 1.07 -19.68 11.15
N ASP D 124 2.33 -19.22 11.14
CA ASP D 124 3.47 -20.10 11.36
C ASP D 124 3.71 -20.36 12.84
N ILE D 125 3.70 -19.29 13.64
CA ILE D 125 3.83 -19.39 15.09
C ILE D 125 3.05 -18.28 15.82
N ILE D 126 2.51 -18.61 17.00
CA ILE D 126 1.92 -17.62 17.90
C ILE D 126 2.71 -17.65 19.21
N ASP D 127 3.20 -16.48 19.60
CA ASP D 127 4.02 -16.31 20.83
C ASP D 127 3.37 -15.29 21.73
N SER D 128 3.64 -13.99 21.58
CA SER D 128 2.94 -12.99 22.42
C SER D 128 1.51 -13.00 22.08
N GLY D 129 1.23 -13.23 20.80
CA GLY D 129 -0.14 -13.21 20.32
C GLY D 129 -0.72 -11.81 20.14
N LEU D 130 0.08 -10.76 20.36
CA LEU D 130 -0.46 -9.37 20.33
C LEU D 130 -0.93 -8.92 18.93
N THR D 131 -0.07 -9.02 17.93
CA THR D 131 -0.44 -8.59 16.57
C THR D 131 -1.60 -9.43 16.04
N LEU D 132 -1.58 -10.72 16.34
CA LEU D 132 -2.63 -11.59 15.85
C LEU D 132 -3.96 -11.26 16.52
N SER D 133 -3.91 -10.95 17.79
CA SER D 133 -5.08 -10.58 18.52
C SER D 133 -5.65 -9.26 17.96
N TYR D 134 -4.75 -8.35 17.64
CA TYR D 134 -5.16 -7.10 17.00
C TYR D 134 -5.89 -7.34 15.67
N LEU D 135 -5.32 -8.21 14.83
CA LEU D 135 -5.92 -8.59 13.54
C LEU D 135 -7.26 -9.29 13.73
N VAL D 136 -7.30 -10.23 14.66
CA VAL D 136 -8.55 -10.94 14.93
C VAL D 136 -9.64 -9.98 15.26
N ASP D 137 -9.39 -9.03 16.14
CA ASP D 137 -10.48 -8.13 16.54
C ASP D 137 -10.78 -7.01 15.52
N LEU D 138 -9.81 -6.75 14.65
CA LEU D 138 -10.02 -5.91 13.48
C LEU D 138 -11.04 -6.60 12.55
N PHE D 139 -10.87 -7.90 12.32
CA PHE D 139 -11.79 -8.63 11.45
C PHE D 139 -13.21 -8.69 12.06
N LYS D 140 -13.28 -8.78 13.39
CA LYS D 140 -14.60 -8.71 14.08
C LYS D 140 -15.16 -7.29 13.96
N TYR D 141 -14.31 -6.28 14.10
CA TYR D 141 -14.73 -4.88 13.86
C TYR D 141 -15.29 -4.79 12.43
N ARG D 142 -14.61 -5.42 11.49
CA ARG D 142 -15.13 -5.45 10.12
C ARG D 142 -16.32 -6.42 9.89
N LYS D 143 -16.90 -6.97 10.96
CA LYS D 143 -18.14 -7.74 10.85
C LYS D 143 -17.98 -9.09 10.21
N ALA D 144 -16.83 -9.73 10.44
CA ALA D 144 -16.65 -11.12 10.03
C ALA D 144 -17.78 -11.96 10.62
N LYS D 145 -18.23 -12.97 9.90
CA LYS D 145 -19.22 -13.91 10.46
C LYS D 145 -18.54 -14.70 11.59
N SER D 146 -17.29 -15.12 11.36
CA SER D 146 -16.49 -15.80 12.36
C SER D 146 -15.03 -15.60 12.05
N VAL D 147 -14.18 -15.80 13.06
CA VAL D 147 -12.73 -15.76 12.91
C VAL D 147 -12.11 -16.91 13.68
N LYS D 148 -11.36 -17.75 12.99
CA LYS D 148 -10.65 -18.81 13.66
C LYS D 148 -9.19 -18.76 13.21
N ILE D 149 -8.34 -19.46 13.96
CA ILE D 149 -6.93 -19.47 13.74
C ILE D 149 -6.38 -20.88 13.68
N VAL D 150 -5.58 -21.15 12.65
CA VAL D 150 -4.76 -22.38 12.58
C VAL D 150 -3.29 -21.97 12.57
N THR D 151 -2.49 -22.56 13.48
CA THR D 151 -1.08 -22.25 13.54
C THR D 151 -0.29 -23.50 13.52
N LEU D 152 0.79 -23.51 12.78
CA LEU D 152 1.65 -24.67 12.76
C LEU D 152 2.29 -24.88 14.18
N LEU D 153 2.88 -23.83 14.73
CA LEU D 153 3.54 -23.88 16.06
C LEU D 153 2.85 -22.91 17.02
N ASP D 154 2.74 -23.32 18.26
CA ASP D 154 2.19 -22.49 19.35
C ASP D 154 3.14 -22.51 20.53
N LYS D 155 3.31 -21.36 21.16
CA LYS D 155 4.16 -21.21 22.36
C LYS D 155 3.32 -20.47 23.38
N PRO D 156 2.44 -21.20 24.07
CA PRO D 156 1.43 -20.55 24.88
C PRO D 156 1.97 -19.88 26.12
N THR D 157 3.19 -20.26 26.50
CA THR D 157 3.82 -19.67 27.65
C THR D 157 4.29 -18.27 27.30
N GLY D 158 4.25 -17.91 26.02
CA GLY D 158 4.66 -16.53 25.60
C GLY D 158 3.54 -15.48 25.57
N ARG D 159 2.31 -15.88 25.84
CA ARG D 159 1.16 -14.98 25.70
C ARG D 159 1.20 -13.67 26.48
N LYS D 160 0.92 -12.57 25.79
CA LYS D 160 0.76 -11.28 26.45
C LYS D 160 -0.70 -10.90 26.43
N VAL D 161 -1.53 -11.76 25.83
CA VAL D 161 -2.98 -11.58 25.74
C VAL D 161 -3.57 -12.96 25.72
N ASP D 162 -4.81 -13.11 26.15
CA ASP D 162 -5.42 -14.41 26.08
C ASP D 162 -5.84 -14.59 24.62
N LEU D 163 -5.10 -15.41 23.88
CA LEU D 163 -5.44 -15.69 22.50
C LEU D 163 -5.17 -17.15 22.31
N LYS D 164 -6.22 -17.89 22.04
CA LYS D 164 -6.11 -19.34 21.83
C LYS D 164 -6.38 -19.69 20.35
N ALA D 165 -5.44 -20.39 19.72
CA ALA D 165 -5.63 -20.88 18.35
C ALA D 165 -6.68 -21.95 18.39
N ASP D 166 -7.43 -22.10 17.29
CA ASP D 166 -8.45 -23.11 17.20
C ASP D 166 -7.83 -24.39 16.70
N TYR D 167 -6.79 -24.31 15.88
CA TYR D 167 -6.14 -25.50 15.35
C TYR D 167 -4.63 -25.30 15.54
N VAL D 168 -3.96 -26.32 16.09
CA VAL D 168 -2.55 -26.20 16.40
C VAL D 168 -1.78 -27.42 15.90
N GLY D 169 -0.65 -27.20 15.28
CA GLY D 169 0.16 -28.33 14.84
C GLY D 169 0.99 -28.89 15.99
N PHE D 170 1.84 -28.03 16.54
CA PHE D 170 2.79 -28.42 17.57
C PHE D 170 2.98 -27.28 18.61
N THR D 171 3.09 -27.67 19.87
CA THR D 171 3.32 -26.75 20.99
C THR D 171 4.75 -26.84 21.34
N VAL D 172 5.45 -25.72 21.23
CA VAL D 172 6.88 -25.65 21.42
C VAL D 172 7.19 -24.76 22.68
N PRO D 173 8.16 -25.18 23.51
N PRO D 173 8.44 -24.82 23.18
CA PRO D 173 8.46 -24.45 24.75
CA PRO D 173 8.83 -24.00 24.32
C PRO D 173 9.09 -23.09 24.49
C PRO D 173 9.75 -22.84 23.98
N HIS D 174 9.61 -22.89 23.28
N HIS D 174 10.64 -22.94 23.03
CA HIS D 174 10.24 -21.60 22.96
CA HIS D 174 11.59 -21.87 22.93
C HIS D 174 10.12 -21.29 21.47
C HIS D 174 11.79 -21.28 21.56
N GLU D 175 10.27 -20.01 21.16
N GLU D 175 10.87 -20.40 21.27
CA GLU D 175 10.16 -19.49 19.78
CA GLU D 175 10.79 -19.54 20.10
C GLU D 175 11.52 -19.34 19.07
C GLU D 175 11.97 -19.61 19.13
N PHE D 176 12.58 -19.98 19.59
N PHE D 176 13.19 -19.76 19.66
CA PHE D 176 13.94 -19.85 19.00
CA PHE D 176 14.40 -19.73 18.84
C PHE D 176 14.23 -21.04 18.06
C PHE D 176 14.48 -20.96 17.93
N VAL D 177 13.69 -20.95 16.85
CA VAL D 177 13.70 -22.00 15.86
C VAL D 177 13.60 -21.39 14.44
N VAL D 178 14.05 -22.15 13.44
CA VAL D 178 13.99 -21.75 12.04
C VAL D 178 13.45 -22.87 11.16
N GLY D 179 12.99 -22.48 9.97
CA GLY D 179 12.52 -23.40 8.97
C GLY D 179 11.02 -23.33 8.76
N TYR D 180 10.61 -23.86 7.61
CA TYR D 180 9.20 -23.96 7.27
C TYR D 180 8.44 -22.67 7.50
N GLY D 181 9.06 -21.57 7.04
CA GLY D 181 8.51 -20.22 7.17
C GLY D 181 9.24 -19.35 8.18
N LEU D 182 9.81 -19.97 9.22
CA LEU D 182 10.51 -19.23 10.29
C LEU D 182 11.94 -18.86 9.89
N ASP D 183 12.33 -17.62 10.15
CA ASP D 183 13.60 -17.10 9.69
C ASP D 183 14.59 -16.71 10.77
N TYR D 184 15.86 -16.57 10.37
CA TYR D 184 16.87 -15.87 11.17
C TYR D 184 17.49 -14.88 10.17
N LYS D 185 17.32 -13.59 10.42
CA LYS D 185 17.75 -12.52 9.49
C LYS D 185 17.31 -12.80 8.06
N GLU D 186 16.02 -13.11 7.90
CA GLU D 186 15.41 -13.36 6.63
C GLU D 186 15.87 -14.63 5.87
N GLN D 187 16.76 -15.44 6.44
CA GLN D 187 17.13 -16.72 5.83
C GLN D 187 16.50 -17.90 6.58
N TYR D 188 16.67 -19.10 6.02
CA TYR D 188 16.22 -20.35 6.62
C TYR D 188 14.72 -20.66 6.49
N ARG D 189 13.95 -19.75 5.91
CA ARG D 189 12.50 -19.95 5.82
C ARG D 189 12.17 -21.13 4.95
N ASN D 190 13.09 -21.41 4.00
CA ASN D 190 12.93 -22.47 3.03
C ASN D 190 13.32 -23.89 3.50
N LEU D 191 13.76 -24.07 4.74
CA LEU D 191 13.99 -25.43 5.26
C LEU D 191 12.67 -26.22 5.28
N PRO D 192 12.72 -27.52 4.91
CA PRO D 192 11.48 -28.29 4.94
C PRO D 192 11.16 -28.87 6.31
N TYR D 193 11.89 -28.49 7.33
CA TYR D 193 11.63 -28.99 8.70
C TYR D 193 11.82 -27.80 9.62
N VAL D 194 11.55 -28.00 10.90
CA VAL D 194 11.76 -26.96 11.89
C VAL D 194 12.94 -27.38 12.78
N GLY D 195 13.93 -26.49 12.87
CA GLY D 195 15.10 -26.77 13.67
C GLY D 195 15.55 -25.61 14.53
N VAL D 196 16.60 -25.89 15.29
CA VAL D 196 17.24 -24.90 16.13
C VAL D 196 18.65 -24.67 15.59
N LEU D 197 19.02 -23.40 15.49
CA LEU D 197 20.30 -23.02 14.95
C LEU D 197 21.44 -23.29 15.94
N LYS D 198 22.65 -23.47 15.41
CA LYS D 198 23.83 -23.58 16.26
C LYS D 198 24.15 -22.22 16.84
N PRO D 199 24.67 -22.19 18.07
CA PRO D 199 24.92 -20.93 18.73
C PRO D 199 25.77 -19.97 17.94
N SER D 200 26.74 -20.48 17.19
CA SER D 200 27.66 -19.61 16.47
C SER D 200 26.96 -18.81 15.39
N VAL D 201 25.83 -19.30 14.88
CA VAL D 201 25.10 -18.60 13.86
C VAL D 201 24.56 -17.25 14.36
N TYR D 202 24.05 -17.19 15.57
CA TYR D 202 23.43 -15.94 16.03
C TYR D 202 24.21 -15.22 17.10
N SER D 203 25.25 -15.84 17.66
CA SER D 203 26.02 -15.20 18.73
C SER D 203 27.50 -15.33 18.51
#